data_7YJ3
#
_entry.id   7YJ3
#
_cell.length_a   1.00
_cell.length_b   1.00
_cell.length_c   1.00
_cell.angle_alpha   90.00
_cell.angle_beta   90.00
_cell.angle_gamma   90.00
#
_symmetry.space_group_name_H-M   'P 1'
#
loop_
_entity.id
_entity.type
_entity.pdbx_description
1 polymer 'Angiotensin-converting enzyme 2'
2 polymer 'Spike protein S1'
3 non-polymer 'ZINC ION'
4 non-polymer 2-acetamido-2-deoxy-beta-D-glucopyranose
#
loop_
_entity_poly.entity_id
_entity_poly.type
_entity_poly.pdbx_seq_one_letter_code
_entity_poly.pdbx_strand_id
1 'polypeptide(L)'
;STIEEQAKTFLDKFNHEAEDLFYQSSLASWNYNTNITEENVQNMNNAGDKWSAFLKEQSTLAQMYPLQEIQNLTVKLQLQ
ALQQNGSSVLSEDKSKRLNTILNTMSTIYSTGKVCNPDNPQECLLLEPGLNEIMANSLDYNERLWAWESWRSEVGKQLRP
LYEEYVVLKNEMARANHYEDYGDYWRGDYEVNGVDGYDYSRGQLIEDVEHTFEEIKPLYEHLHAYVRAKLMNAYPSYISP
IGCLPAHLLGDMWGRFWTNLYSLTVPFGQKPNIDVTDAMVDQAWDAQRIFKEAEKFFVSVGLPNMTQGFWENSMLTDPGN
VQKAVCHPTAWDLGKGDFRILMCTKVTMDDFLTAHHEMGHIQYDMAYAAQPFLLRNGANEGFHEAVGEIMSLSAATPKHL
KSIGLLSPDFQEDNETEINFLLKQALTIVGTLPFTYMLEKWRWMVFKGEIPKDQWMKKWWEMKREIVGVVEPVPHDETYC
DPASLFHVSNDYSFIRYYTRTLYQFQFQEALCQAAKHEGPLHKCDISNSTEAGQKLFNMLRLGKSEPWTLALENVVGAKN
MNVRPLLNYFEPLFTWLKDQNKNSFVGWSTDWSPYA
;
A
2 'polypeptide(L)'
;TNLCPFDEVFNATRFASVYAWNRKRISNCVADYSVLYNFAPFFAFKCYGVSPTKLNDLCFTNVYADSFVIRGNEVSQIAP
GQTGNIADYNYKLPDDFTGCVIAWNSNKLDSKVGGNYNYLYRLFRKSNLKPFERDISTEIYQAGNKPCNGVAGFNCYFPL
RSYGFRPTYGVGHQPYRVVVLSFELLHAPATVCGP
;
B
#
loop_
_chem_comp.id
_chem_comp.type
_chem_comp.name
_chem_comp.formula
NAG D-saccharide, beta linking 2-acetamido-2-deoxy-beta-D-glucopyranose 'C8 H15 N O6'
ZN non-polymer 'ZINC ION' 'Zn 2'
#
# COMPACT_ATOMS: atom_id res chain seq x y z
N SER A 1 -21.80 -9.77 30.73
CA SER A 1 -21.25 -8.87 29.68
C SER A 1 -21.86 -9.22 28.32
N THR A 2 -22.11 -8.20 27.51
CA THR A 2 -22.70 -8.42 26.17
C THR A 2 -21.67 -9.02 25.23
N ILE A 3 -22.12 -9.47 24.04
CA ILE A 3 -21.26 -10.11 22.98
C ILE A 3 -20.45 -9.04 22.29
N GLU A 4 -20.92 -7.82 22.31
CA GLU A 4 -20.13 -6.71 21.79
C GLU A 4 -19.00 -6.33 22.73
N GLU A 5 -19.21 -6.47 24.04
CA GLU A 5 -18.13 -6.23 24.99
C GLU A 5 -17.05 -7.30 24.91
N GLN A 6 -17.44 -8.56 24.68
CA GLN A 6 -16.46 -9.62 24.54
C GLN A 6 -15.64 -9.47 23.27
N ALA A 7 -16.24 -8.94 22.21
CA ALA A 7 -15.54 -8.81 20.93
C ALA A 7 -14.36 -7.84 21.01
N LYS A 8 -14.50 -6.73 21.73
CA LYS A 8 -13.44 -5.73 21.78
C LYS A 8 -12.19 -6.28 22.45
N THR A 9 -12.34 -7.07 23.51
CA THR A 9 -11.18 -7.66 24.17
C THR A 9 -10.43 -8.59 23.24
N PHE A 10 -11.17 -9.43 22.50
CA PHE A 10 -10.55 -10.32 21.54
C PHE A 10 -9.82 -9.54 20.45
N LEU A 11 -10.44 -8.45 19.99
CA LEU A 11 -9.79 -7.64 18.96
C LEU A 11 -8.50 -6.99 19.47
N ASP A 12 -8.50 -6.50 20.70
CA ASP A 12 -7.28 -5.93 21.28
C ASP A 12 -6.17 -6.95 21.34
N LYS A 13 -6.46 -8.13 21.88
CA LYS A 13 -5.45 -9.19 21.93
C LYS A 13 -4.94 -9.54 20.53
N PHE A 14 -5.87 -9.71 19.58
CA PHE A 14 -5.47 -10.05 18.23
C PHE A 14 -4.53 -9.00 17.66
N ASN A 15 -4.84 -7.72 17.85
CA ASN A 15 -3.99 -6.67 17.32
C ASN A 15 -2.59 -6.75 17.91
N HIS A 16 -2.49 -6.85 19.23
CA HIS A 16 -1.18 -6.95 19.91
C HIS A 16 -0.33 -8.07 19.33
N GLU A 17 -0.84 -9.31 19.27
CA GLU A 17 0.06 -10.34 18.73
C GLU A 17 0.26 -10.23 17.22
N ALA A 18 -0.74 -9.74 16.49
CA ALA A 18 -0.63 -9.66 15.04
C ALA A 18 0.48 -8.70 14.63
N GLU A 19 0.60 -7.57 15.34
CA GLU A 19 1.64 -6.60 14.97
C GLU A 19 3.03 -7.23 15.04
N ASP A 20 3.31 -7.94 16.13
CA ASP A 20 4.64 -8.53 16.31
C ASP A 20 4.92 -9.61 15.26
N LEU A 21 3.95 -10.50 15.04
CA LEU A 21 4.19 -11.56 14.07
C LEU A 21 4.37 -11.00 12.66
N PHE A 22 3.57 -10.00 12.29
CA PHE A 22 3.70 -9.38 10.99
C PHE A 22 5.05 -8.69 10.83
N TYR A 23 5.60 -8.17 11.93
CA TYR A 23 6.88 -7.43 11.79
C TYR A 23 7.96 -8.46 11.57
N GLN A 24 7.87 -9.56 12.28
CA GLN A 24 8.87 -10.60 12.07
C GLN A 24 8.85 -11.10 10.64
N SER A 25 7.66 -11.38 10.10
CA SER A 25 7.56 -11.86 8.73
C SER A 25 8.12 -10.84 7.75
N SER A 26 7.76 -9.57 7.90
CA SER A 26 8.22 -8.54 6.97
C SER A 26 9.73 -8.35 7.05
N LEU A 27 10.30 -8.40 8.26
CA LEU A 27 11.75 -8.25 8.38
C LEU A 27 12.48 -9.40 7.71
N ALA A 28 11.98 -10.63 7.89
CA ALA A 28 12.61 -11.76 7.21
C ALA A 28 12.53 -11.62 5.70
N SER A 29 11.37 -11.21 5.19
CA SER A 29 11.21 -11.04 3.75
C SER A 29 12.14 -9.96 3.21
N TRP A 30 12.27 -8.85 3.94
CA TRP A 30 13.20 -7.79 3.52
C TRP A 30 14.64 -8.29 3.50
N ASN A 31 15.04 -9.02 4.55
CA ASN A 31 16.40 -9.52 4.61
C ASN A 31 16.70 -10.44 3.43
N TYR A 32 15.74 -11.27 3.05
CA TYR A 32 15.94 -12.10 1.86
C TYR A 32 16.00 -11.26 0.60
N ASN A 33 15.11 -10.28 0.46
CA ASN A 33 15.05 -9.51 -0.78
C ASN A 33 16.30 -8.68 -1.01
N THR A 34 16.95 -8.21 0.06
CA THR A 34 18.19 -7.46 -0.07
C THR A 34 19.43 -8.35 -0.01
N ASN A 35 19.26 -9.66 0.21
CA ASN A 35 20.39 -10.57 0.36
C ASN A 35 19.89 -11.97 0.01
N ILE A 36 20.22 -12.45 -1.18
CA ILE A 36 19.73 -13.73 -1.67
C ILE A 36 20.66 -14.81 -1.15
N THR A 37 20.13 -15.71 -0.32
CA THR A 37 20.86 -16.84 0.23
C THR A 37 19.85 -17.88 0.68
N GLU A 38 20.28 -19.14 0.73
CA GLU A 38 19.39 -20.22 1.14
C GLU A 38 18.97 -20.08 2.60
N GLU A 39 19.88 -19.61 3.45
CA GLU A 39 19.55 -19.41 4.86
C GLU A 39 18.44 -18.38 5.00
N ASN A 40 18.46 -17.34 4.15
CA ASN A 40 17.38 -16.36 4.15
C ASN A 40 16.06 -16.95 3.70
N VAL A 41 16.07 -17.87 2.74
CA VAL A 41 14.83 -18.56 2.36
C VAL A 41 14.29 -19.36 3.53
N GLN A 42 15.18 -20.03 4.26
CA GLN A 42 14.76 -20.76 5.45
C GLN A 42 14.16 -19.82 6.49
N ASN A 43 14.75 -18.64 6.69
CA ASN A 43 14.17 -17.67 7.61
C ASN A 43 12.79 -17.21 7.15
N MET A 44 12.66 -16.98 5.84
CA MET A 44 11.40 -16.47 5.24
C MET A 44 10.28 -17.52 5.20
N ASN A 45 10.59 -18.81 5.30
CA ASN A 45 9.58 -19.86 5.34
C ASN A 45 9.01 -20.02 6.74
N ASN A 46 9.86 -20.00 7.76
CA ASN A 46 9.41 -20.20 9.13
C ASN A 46 8.48 -19.07 9.57
N ALA A 47 8.86 -17.82 9.29
CA ALA A 47 8.04 -16.68 9.66
C ALA A 47 6.70 -16.70 8.93
N GLY A 48 6.72 -17.02 7.64
CA GLY A 48 5.47 -17.12 6.90
C GLY A 48 4.56 -18.19 7.43
N ASP A 49 5.12 -19.37 7.76
CA ASP A 49 4.31 -20.46 8.29
C ASP A 49 3.71 -20.07 9.63
N LYS A 50 4.50 -19.43 10.51
CA LYS A 50 3.96 -19.01 11.80
C LYS A 50 2.84 -18.00 11.63
N TRP A 51 3.02 -17.02 10.74
CA TRP A 51 1.99 -16.02 10.52
C TRP A 51 0.71 -16.65 9.97
N SER A 52 0.86 -17.39 8.89
CA SER A 52 -0.34 -17.97 8.26
C SER A 52 -1.06 -18.83 9.28
N ALA A 53 -0.34 -19.72 9.94
CA ALA A 53 -0.99 -20.48 11.02
C ALA A 53 -1.73 -19.52 11.94
N PHE A 54 -1.02 -18.66 12.66
CA PHE A 54 -1.65 -17.76 13.65
C PHE A 54 -2.97 -17.31 13.08
N LEU A 55 -2.90 -16.73 11.91
CA LEU A 55 -4.09 -16.14 11.30
C LEU A 55 -5.21 -17.15 11.17
N LYS A 56 -4.87 -18.40 10.82
CA LYS A 56 -5.89 -19.44 10.71
C LYS A 56 -6.55 -19.71 12.06
N GLU A 57 -5.73 -19.82 13.12
CA GLU A 57 -6.29 -20.08 14.44
C GLU A 57 -7.18 -18.93 14.90
N GLN A 58 -6.75 -17.69 14.66
CA GLN A 58 -7.58 -16.55 15.06
C GLN A 58 -8.87 -16.49 14.27
N SER A 59 -8.82 -16.81 12.97
CA SER A 59 -10.04 -16.84 12.18
C SER A 59 -11.00 -17.90 12.69
N THR A 60 -10.47 -19.06 13.08
CA THR A 60 -11.32 -20.10 13.65
C THR A 60 -11.95 -19.63 14.96
N LEU A 61 -11.17 -18.94 15.80
CA LEU A 61 -11.69 -18.49 17.08
C LEU A 61 -12.72 -17.37 16.95
N ALA A 62 -12.60 -16.51 15.94
CA ALA A 62 -13.44 -15.34 15.81
C ALA A 62 -14.83 -15.64 15.27
N GLN A 63 -15.20 -16.91 15.13
CA GLN A 63 -16.52 -17.27 14.60
C GLN A 63 -17.51 -17.68 15.68
N MET A 64 -17.22 -17.37 16.94
CA MET A 64 -18.17 -17.72 18.02
C MET A 64 -18.84 -16.44 18.48
N TYR A 65 -18.63 -15.36 17.75
CA TYR A 65 -19.27 -14.08 18.04
C TYR A 65 -20.27 -13.78 16.93
N PRO A 66 -21.57 -13.95 17.18
CA PRO A 66 -22.55 -13.72 16.12
C PRO A 66 -22.51 -12.29 15.61
N LEU A 67 -22.73 -12.15 14.30
CA LEU A 67 -22.65 -10.87 13.61
C LEU A 67 -23.83 -9.95 13.90
N GLN A 68 -25.03 -10.51 13.97
CA GLN A 68 -26.26 -9.73 14.24
C GLN A 68 -26.38 -9.33 15.72
N GLU A 69 -25.30 -9.27 16.47
CA GLU A 69 -25.30 -8.81 17.86
C GLU A 69 -24.19 -7.82 18.12
N ILE A 70 -23.70 -7.15 17.08
CA ILE A 70 -22.67 -6.13 17.20
C ILE A 70 -23.12 -4.92 16.40
N GLN A 71 -23.08 -3.73 17.02
CA GLN A 71 -23.74 -2.54 16.50
C GLN A 71 -22.84 -1.32 16.57
N ASN A 72 -21.59 -1.45 16.11
CA ASN A 72 -20.71 -0.28 16.06
C ASN A 72 -20.13 0.00 14.68
N LEU A 73 -20.20 -0.94 13.74
CA LEU A 73 -19.74 -0.74 12.37
C LEU A 73 -18.24 -0.45 12.29
N THR A 74 -17.54 -0.58 13.41
CA THR A 74 -16.09 -0.60 13.44
C THR A 74 -15.53 -1.92 13.93
N VAL A 75 -16.16 -2.52 14.95
CA VAL A 75 -15.89 -3.90 15.30
C VAL A 75 -16.35 -4.83 14.17
N LYS A 76 -17.40 -4.36 13.48
CA LYS A 76 -18.04 -5.21 12.45
C LYS A 76 -17.11 -5.44 11.28
N LEU A 77 -16.35 -4.44 10.87
CA LEU A 77 -15.42 -4.56 9.76
C LEU A 77 -14.27 -5.48 10.10
N GLN A 78 -13.72 -5.36 11.30
CA GLN A 78 -12.62 -6.22 11.70
C GLN A 78 -13.07 -7.68 11.82
N LEU A 79 -14.28 -7.90 12.33
CA LEU A 79 -14.77 -9.27 12.40
C LEU A 79 -15.07 -9.85 11.02
N GLN A 80 -15.37 -8.96 10.07
CA GLN A 80 -15.65 -9.42 8.69
C GLN A 80 -14.32 -9.78 8.05
N ALA A 81 -13.25 -9.07 8.41
CA ALA A 81 -11.91 -9.39 7.91
C ALA A 81 -11.42 -10.72 8.48
N LEU A 82 -11.64 -10.95 9.78
CA LEU A 82 -11.14 -12.18 10.40
C LEU A 82 -11.97 -13.39 10.00
N GLN A 83 -13.30 -13.24 9.92
CA GLN A 83 -14.19 -14.38 9.75
C GLN A 83 -14.09 -15.03 8.37
N GLN A 84 -13.66 -14.32 7.33
CA GLN A 84 -13.68 -14.93 5.98
C GLN A 84 -12.74 -16.12 5.93
N ASN A 85 -13.19 -17.29 5.46
CA ASN A 85 -12.25 -18.42 5.30
C ASN A 85 -11.89 -18.50 3.83
N GLY A 86 -12.92 -18.54 3.00
CA GLY A 86 -12.68 -18.59 1.56
C GLY A 86 -12.25 -19.94 1.07
N SER A 87 -11.00 -20.32 1.29
CA SER A 87 -10.45 -21.52 0.66
C SER A 87 -10.51 -22.76 1.55
N SER A 88 -10.74 -22.60 2.85
CA SER A 88 -10.77 -23.74 3.75
C SER A 88 -12.13 -24.41 3.81
N VAL A 89 -13.16 -23.84 3.18
CA VAL A 89 -14.49 -24.42 3.22
C VAL A 89 -14.56 -25.73 2.44
N LEU A 90 -13.73 -25.90 1.42
CA LEU A 90 -13.70 -27.13 0.64
C LEU A 90 -13.10 -28.26 1.46
N SER A 91 -13.47 -29.49 1.10
CA SER A 91 -12.93 -30.65 1.78
C SER A 91 -11.45 -30.82 1.44
N GLU A 92 -10.76 -31.63 2.25
CA GLU A 92 -9.33 -31.83 2.11
C GLU A 92 -8.94 -32.41 0.76
N ASP A 93 -9.79 -33.24 0.15
CA ASP A 93 -9.44 -33.85 -1.13
C ASP A 93 -9.45 -32.86 -2.28
N LYS A 94 -10.19 -31.75 -2.16
CA LYS A 94 -10.24 -30.74 -3.22
C LYS A 94 -9.35 -29.55 -2.94
N SER A 95 -9.07 -29.25 -1.67
CA SER A 95 -8.14 -28.18 -1.34
C SER A 95 -6.73 -28.47 -1.87
N LYS A 96 -6.26 -29.71 -1.75
CA LYS A 96 -4.98 -30.09 -2.32
C LYS A 96 -4.97 -30.00 -3.84
N ARG A 97 -6.07 -30.43 -4.48
CA ARG A 97 -6.16 -30.35 -5.93
C ARG A 97 -6.09 -28.91 -6.41
N LEU A 98 -6.77 -28.00 -5.71
CA LEU A 98 -6.74 -26.60 -6.11
C LEU A 98 -5.33 -26.04 -6.05
N ASN A 99 -4.60 -26.32 -4.97
CA ASN A 99 -3.23 -25.85 -4.85
C ASN A 99 -2.33 -26.44 -5.93
N THR A 100 -2.47 -27.74 -6.20
CA THR A 100 -1.65 -28.36 -7.24
C THR A 100 -1.95 -27.74 -8.61
N ILE A 101 -3.24 -27.50 -8.90
CA ILE A 101 -3.61 -26.90 -10.18
C ILE A 101 -3.00 -25.51 -10.31
N LEU A 102 -3.11 -24.70 -9.25
CA LEU A 102 -2.55 -23.35 -9.30
C LEU A 102 -1.05 -23.38 -9.49
N ASN A 103 -0.34 -24.24 -8.74
CA ASN A 103 1.11 -24.29 -8.84
C ASN A 103 1.56 -24.75 -10.22
N THR A 104 0.93 -25.81 -10.75
CA THR A 104 1.30 -26.28 -12.08
C THR A 104 0.99 -25.26 -13.16
N MET A 105 -0.17 -24.59 -13.05
CA MET A 105 -0.57 -23.61 -14.04
C MET A 105 0.31 -22.36 -13.99
N SER A 106 0.89 -22.05 -12.83
CA SER A 106 1.91 -21.01 -12.74
C SER A 106 3.26 -21.45 -13.30
N THR A 107 3.63 -22.72 -13.06
CA THR A 107 4.91 -23.21 -13.57
C THR A 107 4.92 -23.25 -15.10
N ILE A 108 3.81 -23.68 -15.72
CA ILE A 108 3.75 -23.70 -17.17
C ILE A 108 3.93 -22.30 -17.74
N TYR A 109 3.38 -21.29 -17.07
CA TYR A 109 3.59 -19.91 -17.52
C TYR A 109 5.06 -19.52 -17.37
N SER A 110 5.62 -19.64 -16.18
CA SER A 110 7.01 -19.15 -16.01
C SER A 110 7.95 -19.93 -16.93
N THR A 111 7.99 -21.26 -16.80
CA THR A 111 8.87 -22.11 -17.65
C THR A 111 8.26 -22.25 -19.03
N GLY A 112 8.50 -21.27 -19.91
CA GLY A 112 7.90 -21.28 -21.27
C GLY A 112 8.96 -21.02 -22.32
N LYS A 113 8.87 -21.69 -23.46
CA LYS A 113 9.95 -21.59 -24.46
C LYS A 113 9.38 -21.81 -25.86
N VAL A 114 9.56 -20.83 -26.74
CA VAL A 114 9.09 -20.97 -28.13
C VAL A 114 10.28 -21.36 -28.96
N CYS A 115 10.44 -22.65 -29.22
CA CYS A 115 11.55 -23.00 -30.10
C CYS A 115 11.24 -22.53 -31.52
N ASN A 116 12.18 -21.78 -32.10
CA ASN A 116 11.98 -21.21 -33.42
C ASN A 116 11.92 -22.30 -34.48
N PRO A 117 11.59 -21.95 -35.74
CA PRO A 117 11.57 -22.96 -36.80
C PRO A 117 12.94 -23.47 -37.18
N ASP A 118 13.01 -24.23 -38.27
CA ASP A 118 14.18 -24.97 -38.77
C ASP A 118 15.14 -25.40 -37.65
N ASN A 119 16.10 -24.55 -37.28
CA ASN A 119 17.08 -24.89 -36.27
C ASN A 119 16.39 -25.22 -34.94
N PRO A 120 16.46 -26.47 -34.47
CA PRO A 120 15.74 -26.83 -33.25
C PRO A 120 16.48 -26.50 -31.97
N GLN A 121 17.82 -26.39 -32.02
CA GLN A 121 18.58 -26.13 -30.79
C GLN A 121 18.24 -24.77 -30.21
N GLU A 122 18.12 -23.75 -31.05
CA GLU A 122 17.81 -22.41 -30.57
C GLU A 122 16.34 -22.32 -30.17
N CYS A 123 16.08 -21.81 -28.97
CA CYS A 123 14.73 -21.64 -28.48
C CYS A 123 14.65 -20.35 -27.66
N LEU A 124 13.49 -19.70 -27.60
CA LEU A 124 13.45 -18.38 -26.92
C LEU A 124 12.43 -18.39 -25.78
N LEU A 125 12.74 -17.67 -24.69
CA LEU A 125 11.85 -17.63 -23.50
C LEU A 125 11.25 -16.22 -23.36
N LEU A 126 10.10 -16.07 -22.70
CA LEU A 126 9.54 -14.71 -22.46
C LEU A 126 10.52 -13.95 -21.59
N GLU A 127 10.07 -12.85 -20.99
CA GLU A 127 11.06 -12.03 -20.26
C GLU A 127 12.14 -11.74 -21.31
N PRO A 128 13.44 -11.58 -21.02
CA PRO A 128 14.41 -11.41 -22.07
C PRO A 128 14.03 -12.31 -23.24
N GLY A 129 13.59 -11.75 -24.37
CA GLY A 129 13.35 -12.62 -25.53
C GLY A 129 12.09 -12.34 -26.30
N LEU A 130 11.12 -13.25 -26.21
CA LEU A 130 9.88 -13.12 -27.01
C LEU A 130 9.18 -11.80 -26.65
N ASN A 131 9.85 -10.92 -25.91
CA ASN A 131 9.26 -9.59 -25.60
C ASN A 131 10.07 -8.51 -26.33
N GLU A 132 11.32 -8.81 -26.68
CA GLU A 132 12.13 -7.87 -27.44
C GLU A 132 11.71 -7.86 -28.89
N ILE A 133 11.40 -9.04 -29.45
CA ILE A 133 10.96 -9.11 -30.84
C ILE A 133 9.65 -8.34 -31.01
N MET A 134 8.70 -8.55 -30.12
CA MET A 134 7.40 -7.88 -30.22
C MET A 134 7.49 -6.39 -29.93
N ALA A 135 8.52 -5.94 -29.21
CA ALA A 135 8.65 -4.53 -28.89
C ALA A 135 9.55 -3.75 -29.85
N ASN A 136 10.37 -4.43 -30.64
CA ASN A 136 11.34 -3.73 -31.48
C ASN A 136 11.38 -4.18 -32.93
N SER A 137 10.89 -5.37 -33.26
CA SER A 137 10.98 -5.83 -34.64
C SER A 137 9.98 -5.07 -35.51
N LEU A 138 10.20 -5.15 -36.82
CA LEU A 138 9.39 -4.40 -37.77
C LEU A 138 8.97 -5.27 -38.95
N ASP A 139 9.08 -6.59 -38.81
CA ASP A 139 8.69 -7.54 -39.85
C ASP A 139 7.38 -8.20 -39.45
N TYR A 140 6.44 -8.25 -40.39
CA TYR A 140 5.14 -8.85 -40.12
C TYR A 140 5.25 -10.34 -39.81
N ASN A 141 6.05 -11.06 -40.59
CA ASN A 141 6.10 -12.52 -40.46
C ASN A 141 6.71 -12.94 -39.14
N GLU A 142 7.74 -12.20 -38.73
CA GLU A 142 8.45 -12.54 -37.47
C GLU A 142 7.48 -12.38 -36.32
N ARG A 143 6.78 -11.27 -36.28
CA ARG A 143 5.83 -10.98 -35.20
C ARG A 143 4.68 -11.99 -35.20
N LEU A 144 4.17 -12.34 -36.38
CA LEU A 144 3.09 -13.32 -36.43
C LEU A 144 3.57 -14.67 -35.92
N TRP A 145 4.79 -15.06 -36.28
CA TRP A 145 5.34 -16.32 -35.79
C TRP A 145 5.44 -16.32 -34.28
N ALA A 146 5.97 -15.25 -33.70
CA ALA A 146 6.09 -15.17 -32.25
C ALA A 146 4.73 -15.25 -31.58
N TRP A 147 3.77 -14.47 -32.10
CA TRP A 147 2.43 -14.41 -31.52
C TRP A 147 1.82 -15.80 -31.50
N GLU A 148 1.83 -16.47 -32.66
CA GLU A 148 1.16 -17.76 -32.79
C GLU A 148 1.89 -18.86 -32.03
N SER A 149 3.23 -18.83 -32.02
CA SER A 149 3.96 -19.82 -31.24
C SER A 149 3.58 -19.73 -29.77
N TRP A 150 3.56 -18.51 -29.23
CA TRP A 150 3.22 -18.36 -27.83
C TRP A 150 1.77 -18.77 -27.56
N ARG A 151 0.85 -18.40 -28.45
CA ARG A 151 -0.55 -18.78 -28.28
C ARG A 151 -0.76 -20.29 -28.36
N SER A 152 -0.01 -20.99 -29.21
CA SER A 152 -0.25 -22.40 -29.48
C SER A 152 0.44 -23.34 -28.50
N GLU A 153 1.69 -23.07 -28.12
CA GLU A 153 2.40 -24.02 -27.29
C GLU A 153 2.62 -23.52 -25.85
N VAL A 154 1.77 -22.59 -25.39
CA VAL A 154 1.72 -22.27 -23.97
C VAL A 154 0.26 -22.30 -23.50
N GLY A 155 -0.67 -22.10 -24.44
CA GLY A 155 -2.08 -22.01 -24.09
C GLY A 155 -2.83 -23.32 -24.11
N LYS A 156 -2.52 -24.17 -25.09
CA LYS A 156 -3.16 -25.49 -25.15
C LYS A 156 -2.79 -26.33 -23.93
N GLN A 157 -1.60 -26.12 -23.38
CA GLN A 157 -1.20 -26.79 -22.15
C GLN A 157 -1.95 -26.30 -20.93
N LEU A 158 -2.58 -25.11 -21.02
CA LEU A 158 -3.27 -24.54 -19.88
C LEU A 158 -4.79 -24.58 -19.98
N ARG A 159 -5.30 -24.82 -21.18
CA ARG A 159 -6.76 -24.96 -21.35
C ARG A 159 -7.29 -25.98 -20.36
N PRO A 160 -6.93 -27.28 -20.42
CA PRO A 160 -7.53 -28.28 -19.53
C PRO A 160 -6.94 -28.25 -18.14
N LEU A 161 -6.69 -27.06 -17.65
CA LEU A 161 -6.47 -26.76 -16.24
C LEU A 161 -7.35 -25.61 -15.79
N TYR A 162 -7.52 -24.60 -16.64
CA TYR A 162 -8.52 -23.57 -16.43
C TYR A 162 -9.92 -24.15 -16.45
N GLU A 163 -10.16 -25.14 -17.30
CA GLU A 163 -11.48 -25.78 -17.36
C GLU A 163 -11.90 -26.39 -16.03
N GLU A 164 -10.94 -26.85 -15.22
CA GLU A 164 -11.23 -27.35 -13.88
C GLU A 164 -11.12 -26.28 -12.81
N TYR A 165 -10.20 -25.34 -12.98
CA TYR A 165 -10.08 -24.17 -12.11
C TYR A 165 -11.42 -23.47 -11.94
N VAL A 166 -12.14 -23.27 -13.05
CA VAL A 166 -13.39 -22.50 -13.00
C VAL A 166 -14.39 -23.16 -12.07
N VAL A 167 -14.63 -24.46 -12.25
CA VAL A 167 -15.64 -25.13 -11.44
C VAL A 167 -15.15 -25.31 -10.00
N LEU A 168 -13.85 -25.59 -9.82
CA LEU A 168 -13.35 -25.84 -8.48
C LEU A 168 -13.30 -24.56 -7.65
N LYS A 169 -13.35 -23.40 -8.28
CA LYS A 169 -13.48 -22.18 -7.50
C LYS A 169 -14.92 -21.67 -7.43
N ASN A 170 -15.77 -22.01 -8.39
CA ASN A 170 -17.18 -21.72 -8.25
C ASN A 170 -17.80 -22.50 -7.09
N GLU A 171 -17.34 -23.73 -6.87
CA GLU A 171 -17.80 -24.49 -5.72
C GLU A 171 -17.45 -23.79 -4.42
N MET A 172 -16.21 -23.28 -4.32
CA MET A 172 -15.82 -22.52 -3.14
C MET A 172 -16.63 -21.23 -3.02
N ALA A 173 -16.95 -20.61 -4.16
CA ALA A 173 -17.72 -19.36 -4.13
C ALA A 173 -19.10 -19.57 -3.53
N ARG A 174 -19.86 -20.55 -4.05
CA ARG A 174 -21.13 -20.83 -3.39
C ARG A 174 -21.00 -21.59 -2.09
N ALA A 175 -19.81 -22.01 -1.70
CA ALA A 175 -19.63 -22.52 -0.34
C ALA A 175 -19.44 -21.41 0.68
N ASN A 176 -19.20 -20.17 0.23
CA ASN A 176 -19.10 -19.01 1.12
C ASN A 176 -20.25 -18.03 0.91
N HIS A 177 -21.40 -18.50 0.44
CA HIS A 177 -22.60 -17.69 0.26
C HIS A 177 -22.37 -16.55 -0.74
N TYR A 178 -22.05 -16.94 -1.97
CA TYR A 178 -21.96 -16.01 -3.09
C TYR A 178 -22.70 -16.61 -4.28
N GLU A 179 -22.64 -15.94 -5.44
CA GLU A 179 -23.25 -16.45 -6.65
C GLU A 179 -22.25 -17.01 -7.65
N ASP A 180 -21.01 -16.53 -7.62
CA ASP A 180 -19.93 -17.01 -8.47
C ASP A 180 -18.64 -16.38 -7.95
N TYR A 181 -17.52 -16.74 -8.58
CA TYR A 181 -16.25 -16.17 -8.17
C TYR A 181 -16.15 -14.70 -8.56
N GLY A 182 -16.86 -14.28 -9.61
CA GLY A 182 -16.85 -12.88 -9.99
C GLY A 182 -17.44 -11.99 -8.91
N ASP A 183 -18.52 -12.44 -8.27
CA ASP A 183 -19.08 -11.68 -7.15
C ASP A 183 -18.11 -11.64 -5.98
N TYR A 184 -17.38 -12.72 -5.75
CA TYR A 184 -16.37 -12.72 -4.69
C TYR A 184 -15.32 -11.66 -4.97
N TRP A 185 -14.89 -11.55 -6.23
CA TRP A 185 -13.93 -10.50 -6.57
C TRP A 185 -14.53 -9.11 -6.41
N ARG A 186 -15.76 -8.91 -6.89
CA ARG A 186 -16.42 -7.62 -6.83
C ARG A 186 -16.81 -7.20 -5.41
N GLY A 187 -16.78 -8.13 -4.45
CA GLY A 187 -17.21 -7.80 -3.09
C GLY A 187 -16.35 -6.80 -2.37
N ASP A 188 -15.20 -6.44 -2.94
CA ASP A 188 -14.35 -5.43 -2.31
C ASP A 188 -15.05 -4.08 -2.32
N TYR A 189 -15.79 -3.78 -3.38
CA TYR A 189 -16.43 -2.49 -3.54
C TYR A 189 -17.77 -2.40 -2.82
N GLU A 190 -18.18 -3.45 -2.12
CA GLU A 190 -19.48 -3.48 -1.48
C GLU A 190 -19.45 -2.74 -0.15
N VAL A 191 -20.46 -1.91 0.08
CA VAL A 191 -20.63 -1.17 1.32
C VAL A 191 -22.06 -1.37 1.82
N ASN A 192 -22.20 -1.75 3.08
CA ASN A 192 -23.52 -1.97 3.66
C ASN A 192 -23.60 -1.33 5.03
N GLY A 193 -24.77 -0.77 5.35
CA GLY A 193 -25.07 -0.30 6.68
C GLY A 193 -24.92 1.18 6.94
N VAL A 194 -24.32 1.94 6.03
CA VAL A 194 -24.08 3.37 6.22
C VAL A 194 -25.03 4.12 5.31
N ASP A 195 -26.03 4.78 5.89
CA ASP A 195 -27.08 5.43 5.12
C ASP A 195 -26.49 6.52 4.23
N GLY A 196 -26.91 6.54 2.97
CA GLY A 196 -26.41 7.50 2.01
C GLY A 196 -25.08 7.14 1.39
N TYR A 197 -24.52 5.97 1.70
CA TYR A 197 -23.24 5.57 1.15
C TYR A 197 -23.20 4.11 0.72
N ASP A 198 -24.33 3.43 0.64
CA ASP A 198 -24.34 2.03 0.22
C ASP A 198 -23.90 1.89 -1.23
N TYR A 199 -23.20 0.79 -1.51
CA TYR A 199 -22.78 0.46 -2.86
C TYR A 199 -22.88 -1.05 -3.03
N SER A 200 -23.83 -1.50 -3.84
CA SER A 200 -24.04 -2.91 -4.07
C SER A 200 -23.00 -3.47 -5.03
N ARG A 201 -22.90 -4.79 -5.05
CA ARG A 201 -21.90 -5.46 -5.88
C ARG A 201 -22.22 -5.34 -7.36
N GLY A 202 -23.51 -5.41 -7.71
CA GLY A 202 -23.90 -5.38 -9.11
C GLY A 202 -23.85 -4.02 -9.75
N GLN A 203 -23.77 -2.95 -8.95
CA GLN A 203 -23.69 -1.61 -9.51
C GLN A 203 -22.36 -1.35 -10.22
N LEU A 204 -21.34 -2.14 -9.92
CA LEU A 204 -20.02 -1.93 -10.52
C LEU A 204 -20.06 -2.15 -12.03
N ILE A 205 -20.76 -3.19 -12.48
CA ILE A 205 -20.85 -3.46 -13.91
C ILE A 205 -21.52 -2.31 -14.63
N GLU A 206 -22.64 -1.81 -14.08
CA GLU A 206 -23.33 -0.69 -14.69
C GLU A 206 -22.47 0.56 -14.73
N ASP A 207 -21.75 0.84 -13.64
CA ASP A 207 -20.88 2.01 -13.61
C ASP A 207 -19.78 1.91 -14.65
N VAL A 208 -19.17 0.73 -14.78
CA VAL A 208 -18.10 0.55 -15.75
C VAL A 208 -18.63 0.74 -17.17
N GLU A 209 -19.80 0.17 -17.46
CA GLU A 209 -20.37 0.30 -18.79
C GLU A 209 -20.67 1.77 -19.11
N HIS A 210 -21.27 2.48 -18.16
CA HIS A 210 -21.59 3.88 -18.39
C HIS A 210 -20.36 4.77 -18.55
N THR A 211 -19.28 4.49 -17.83
CA THR A 211 -18.05 5.25 -18.05
C THR A 211 -17.43 4.95 -19.41
N PHE A 212 -17.46 3.68 -19.83
CA PHE A 212 -16.89 3.33 -21.13
C PHE A 212 -17.68 3.97 -22.26
N GLU A 213 -19.00 4.07 -22.10
CA GLU A 213 -19.81 4.72 -23.13
C GLU A 213 -19.39 6.17 -23.37
N GLU A 214 -18.86 6.85 -22.36
CA GLU A 214 -18.33 8.19 -22.54
C GLU A 214 -16.89 8.18 -23.02
N ILE A 215 -16.10 7.18 -22.64
CA ILE A 215 -14.71 7.12 -23.09
C ILE A 215 -14.63 6.87 -24.59
N LYS A 216 -15.61 6.15 -25.14
CA LYS A 216 -15.48 5.55 -26.48
C LYS A 216 -15.04 6.50 -27.60
N PRO A 217 -15.62 7.70 -27.77
CA PRO A 217 -15.24 8.50 -28.96
C PRO A 217 -13.77 8.88 -29.05
N LEU A 218 -13.16 9.24 -27.92
CA LEU A 218 -11.74 9.55 -27.92
C LEU A 218 -10.91 8.35 -28.34
N TYR A 219 -11.28 7.16 -27.85
CA TYR A 219 -10.61 5.95 -28.28
C TYR A 219 -10.78 5.72 -29.76
N GLU A 220 -11.96 5.99 -30.30
CA GLU A 220 -12.19 5.83 -31.73
C GLU A 220 -11.26 6.72 -32.54
N HIS A 221 -11.13 7.99 -32.13
CA HIS A 221 -10.30 8.91 -32.89
C HIS A 221 -8.83 8.56 -32.79
N LEU A 222 -8.36 8.16 -31.59
CA LEU A 222 -7.00 7.69 -31.44
C LEU A 222 -6.75 6.45 -32.30
N HIS A 223 -7.73 5.55 -32.34
CA HIS A 223 -7.62 4.34 -33.14
C HIS A 223 -7.49 4.68 -34.62
N ALA A 224 -8.28 5.65 -35.10
CA ALA A 224 -8.18 6.04 -36.50
C ALA A 224 -6.82 6.63 -36.82
N TYR A 225 -6.31 7.49 -35.94
CA TYR A 225 -4.97 8.06 -36.14
C TYR A 225 -3.91 6.97 -36.23
N VAL A 226 -3.94 6.03 -35.28
CA VAL A 226 -2.94 4.97 -35.28
C VAL A 226 -3.08 4.09 -36.51
N ARG A 227 -4.32 3.81 -36.93
CA ARG A 227 -4.53 3.00 -38.12
C ARG A 227 -3.93 3.67 -39.35
N ALA A 228 -4.12 4.98 -39.49
CA ALA A 228 -3.51 5.67 -40.64
C ALA A 228 -1.99 5.61 -40.57
N LYS A 229 -1.42 6.01 -39.44
CA LYS A 229 0.04 6.06 -39.32
C LYS A 229 0.67 4.66 -39.33
N LEU A 230 -0.12 3.61 -39.17
CA LEU A 230 0.36 2.25 -39.14
C LEU A 230 0.22 1.58 -40.50
N MET A 231 -0.88 1.86 -41.21
CA MET A 231 -0.99 1.45 -42.59
C MET A 231 0.05 2.15 -43.45
N ASN A 232 0.49 3.34 -43.04
CA ASN A 232 1.61 3.98 -43.72
C ASN A 232 2.89 3.15 -43.61
N ALA A 233 3.16 2.56 -42.44
CA ALA A 233 4.39 1.81 -42.22
C ALA A 233 4.38 0.41 -42.83
N TYR A 234 3.24 -0.27 -42.84
CA TYR A 234 3.11 -1.58 -43.46
C TYR A 234 2.41 -1.40 -44.81
N PRO A 235 3.08 -1.62 -45.94
CA PRO A 235 2.56 -1.15 -47.23
C PRO A 235 1.11 -1.52 -47.52
N SER A 236 0.79 -2.82 -47.65
CA SER A 236 -0.60 -3.24 -47.80
C SER A 236 -0.87 -4.50 -46.98
N TYR A 237 -1.12 -4.32 -45.68
CA TYR A 237 -1.59 -5.36 -44.78
C TYR A 237 -2.76 -4.93 -43.91
N ILE A 238 -3.08 -3.65 -43.84
CA ILE A 238 -4.14 -3.14 -42.97
C ILE A 238 -5.20 -2.48 -43.83
N SER A 239 -6.45 -2.93 -43.69
CA SER A 239 -7.55 -2.30 -44.41
C SER A 239 -7.86 -0.94 -43.80
N PRO A 240 -8.29 0.02 -44.62
CA PRO A 240 -8.62 1.35 -44.11
C PRO A 240 -10.02 1.51 -43.55
N ILE A 241 -10.80 0.43 -43.48
CA ILE A 241 -12.16 0.52 -42.95
C ILE A 241 -12.36 -0.59 -41.93
N GLY A 242 -11.27 -1.26 -41.56
CA GLY A 242 -11.38 -2.42 -40.69
C GLY A 242 -10.68 -2.29 -39.36
N CYS A 243 -10.31 -3.44 -38.77
CA CYS A 243 -9.70 -3.50 -37.46
C CYS A 243 -8.18 -3.53 -37.58
N LEU A 244 -7.51 -3.82 -36.47
CA LEU A 244 -6.06 -3.87 -36.39
C LEU A 244 -5.59 -5.28 -36.07
N PRO A 245 -4.62 -5.81 -36.82
CA PRO A 245 -4.04 -7.10 -36.46
C PRO A 245 -3.42 -7.08 -35.06
N ALA A 246 -3.52 -8.21 -34.37
CA ALA A 246 -3.20 -8.28 -32.95
C ALA A 246 -1.72 -8.43 -32.67
N HIS A 247 -0.91 -8.81 -33.66
CA HIS A 247 0.49 -9.10 -33.44
C HIS A 247 1.41 -7.91 -33.71
N LEU A 248 0.85 -6.75 -34.00
CA LEU A 248 1.61 -5.57 -34.39
C LEU A 248 1.21 -4.34 -33.58
N LEU A 249 0.71 -4.57 -32.37
CA LEU A 249 0.26 -3.50 -31.48
C LEU A 249 1.32 -3.06 -30.48
N GLY A 250 2.55 -3.55 -30.57
CA GLY A 250 3.62 -3.09 -29.71
C GLY A 250 3.99 -4.02 -28.58
N ASP A 251 3.06 -4.73 -27.98
CA ASP A 251 3.48 -5.73 -26.97
C ASP A 251 2.82 -7.06 -27.29
N MET A 252 3.08 -8.10 -26.51
CA MET A 252 2.53 -9.41 -26.91
C MET A 252 1.01 -9.37 -26.90
N TRP A 253 0.42 -8.92 -25.80
CA TRP A 253 -1.05 -8.99 -25.68
C TRP A 253 -1.70 -7.68 -26.07
N GLY A 254 -0.92 -6.68 -26.46
CA GLY A 254 -1.62 -5.45 -26.78
C GLY A 254 -2.13 -4.68 -25.59
N ARG A 255 -1.62 -4.96 -24.39
CA ARG A 255 -2.11 -4.29 -23.19
C ARG A 255 -1.80 -2.79 -23.24
N PHE A 256 -0.61 -2.42 -23.66
CA PHE A 256 -0.21 -1.03 -23.78
C PHE A 256 0.20 -0.74 -25.21
N TRP A 257 -0.15 0.45 -25.70
CA TRP A 257 0.22 0.90 -27.03
C TRP A 257 1.45 1.81 -27.01
N THR A 258 2.18 1.83 -25.90
CA THR A 258 3.28 2.78 -25.74
C THR A 258 4.44 2.51 -26.69
N ASN A 259 4.54 1.32 -27.26
CA ASN A 259 5.61 1.03 -28.20
C ASN A 259 5.19 1.34 -29.63
N LEU A 260 4.63 2.54 -29.81
CA LEU A 260 4.26 3.01 -31.14
C LEU A 260 4.60 4.48 -31.33
N TYR A 261 5.33 5.09 -30.40
CA TYR A 261 5.66 6.51 -30.52
C TYR A 261 6.58 6.76 -31.70
N SER A 262 7.48 5.83 -31.98
CA SER A 262 8.40 5.99 -33.11
C SER A 262 7.68 5.96 -34.45
N LEU A 263 6.47 5.43 -34.50
CA LEU A 263 5.72 5.34 -35.75
C LEU A 263 4.53 6.29 -35.81
N THR A 264 4.07 6.83 -34.67
CA THR A 264 2.89 7.69 -34.65
C THR A 264 3.18 9.07 -34.06
N VAL A 265 4.44 9.49 -34.04
CA VAL A 265 4.78 10.78 -33.43
C VAL A 265 4.16 11.91 -34.24
N PRO A 266 3.55 12.91 -33.61
CA PRO A 266 2.92 14.00 -34.37
C PRO A 266 3.92 14.85 -35.14
N PHE A 267 4.91 15.39 -34.43
CA PHE A 267 5.92 16.27 -35.00
C PHE A 267 7.29 15.67 -34.71
N GLY A 268 7.87 15.01 -35.69
CA GLY A 268 9.09 14.26 -35.50
C GLY A 268 10.37 15.07 -35.46
N GLN A 269 10.30 16.37 -35.76
CA GLN A 269 11.50 17.20 -35.73
C GLN A 269 11.76 17.83 -34.37
N LYS A 270 10.77 17.90 -33.51
CA LYS A 270 10.91 18.48 -32.19
C LYS A 270 11.09 17.39 -31.14
N PRO A 271 12.17 17.39 -30.39
CA PRO A 271 12.40 16.35 -29.39
C PRO A 271 11.62 16.60 -28.10
N ASN A 272 11.60 15.56 -27.29
CA ASN A 272 10.80 15.66 -26.05
C ASN A 272 11.65 16.32 -24.98
N ILE A 273 11.13 16.38 -23.76
CA ILE A 273 11.82 17.00 -22.63
C ILE A 273 12.48 15.88 -21.84
N ASP A 274 13.80 15.75 -22.00
CA ASP A 274 14.60 14.79 -21.25
C ASP A 274 15.72 15.55 -20.57
N VAL A 275 15.79 15.44 -19.24
CA VAL A 275 16.75 16.19 -18.45
C VAL A 275 17.84 15.30 -17.88
N THR A 276 17.99 14.09 -18.43
CA THR A 276 18.99 13.16 -17.91
C THR A 276 20.40 13.72 -18.06
N ASP A 277 20.71 14.30 -19.22
CA ASP A 277 22.05 14.83 -19.43
C ASP A 277 22.32 16.02 -18.52
N ALA A 278 21.29 16.84 -18.25
CA ALA A 278 21.45 17.94 -17.31
C ALA A 278 21.75 17.42 -15.90
N MET A 279 21.06 16.36 -15.46
CA MET A 279 21.34 15.79 -14.16
C MET A 279 22.75 15.22 -14.10
N VAL A 280 23.20 14.58 -15.18
CA VAL A 280 24.55 14.02 -15.20
C VAL A 280 25.58 15.14 -15.17
N ASP A 281 25.32 16.25 -15.85
CA ASP A 281 26.25 17.36 -15.93
C ASP A 281 26.24 18.23 -14.67
N GLN A 282 25.62 17.78 -13.58
CA GLN A 282 25.63 18.51 -12.32
C GLN A 282 26.06 17.63 -11.15
N ALA A 283 26.54 16.41 -11.43
CA ALA A 283 26.98 15.46 -10.41
C ALA A 283 25.86 15.15 -9.43
N TRP A 284 24.78 14.58 -9.96
CA TRP A 284 23.66 14.15 -9.16
C TRP A 284 23.85 12.71 -8.68
N ASP A 285 23.12 12.34 -7.65
CA ASP A 285 23.19 10.99 -7.09
C ASP A 285 21.82 10.64 -6.52
N ALA A 286 21.75 9.45 -5.91
CA ALA A 286 20.48 8.97 -5.37
C ALA A 286 19.97 9.86 -4.25
N GLN A 287 20.86 10.27 -3.35
CA GLN A 287 20.47 11.09 -2.22
C GLN A 287 19.85 12.40 -2.67
N ARG A 288 20.41 13.01 -3.72
CA ARG A 288 19.86 14.26 -4.22
C ARG A 288 18.44 14.07 -4.77
N ILE A 289 18.21 12.98 -5.49
CA ILE A 289 16.89 12.71 -6.04
C ILE A 289 15.87 12.55 -4.91
N PHE A 290 16.22 11.76 -3.90
CA PHE A 290 15.26 11.53 -2.83
C PHE A 290 15.07 12.77 -1.97
N LYS A 291 16.09 13.60 -1.79
CA LYS A 291 15.85 14.84 -1.02
C LYS A 291 14.99 15.79 -1.86
N GLU A 292 15.12 15.83 -3.19
CA GLU A 292 14.22 16.66 -3.97
C GLU A 292 12.77 16.18 -3.85
N ALA A 293 12.56 14.86 -3.89
CA ALA A 293 11.21 14.33 -3.70
C ALA A 293 10.65 14.69 -2.33
N GLU A 294 11.46 14.53 -1.28
CA GLU A 294 11.02 14.88 0.06
C GLU A 294 10.74 16.38 0.18
N LYS A 295 11.55 17.20 -0.47
CA LYS A 295 11.32 18.64 -0.46
C LYS A 295 10.01 18.98 -1.11
N PHE A 296 9.69 18.33 -2.23
CA PHE A 296 8.40 18.55 -2.88
C PHE A 296 7.25 18.19 -1.94
N PHE A 297 7.35 17.03 -1.30
CA PHE A 297 6.26 16.59 -0.43
C PHE A 297 6.09 17.52 0.77
N VAL A 298 7.19 18.00 1.33
CA VAL A 298 7.09 18.95 2.45
C VAL A 298 6.51 20.28 1.97
N SER A 299 6.86 20.70 0.76
CA SER A 299 6.28 21.91 0.19
C SER A 299 4.77 21.79 0.06
N VAL A 300 4.28 20.61 -0.32
CA VAL A 300 2.84 20.40 -0.39
C VAL A 300 2.19 20.55 0.98
N GLY A 301 2.83 20.07 2.04
CA GLY A 301 2.32 20.20 3.39
C GLY A 301 2.47 18.97 4.25
N LEU A 302 2.92 17.85 3.69
CA LEU A 302 3.04 16.60 4.41
C LEU A 302 4.38 16.54 5.15
N PRO A 303 4.49 15.65 6.16
CA PRO A 303 5.70 15.64 6.99
C PRO A 303 6.96 15.17 6.29
N ASN A 304 8.08 15.25 6.99
CA ASN A 304 9.36 14.80 6.41
C ASN A 304 9.43 13.28 6.55
N MET A 305 10.60 12.70 6.30
CA MET A 305 10.76 11.23 6.31
C MET A 305 11.59 10.86 7.52
N THR A 306 11.29 9.76 8.19
CA THR A 306 11.92 9.42 9.44
C THR A 306 13.41 9.11 9.24
N GLN A 307 14.16 9.17 10.34
CA GLN A 307 15.58 8.86 10.29
C GLN A 307 15.82 7.42 9.88
N GLY A 308 14.89 6.52 10.20
CA GLY A 308 15.00 5.16 9.74
C GLY A 308 15.01 5.04 8.24
N PHE A 309 14.16 5.82 7.55
CA PHE A 309 14.14 5.82 6.10
C PHE A 309 15.52 6.14 5.53
N TRP A 310 16.29 6.98 6.20
CA TRP A 310 17.61 7.36 5.73
C TRP A 310 18.72 6.45 6.24
N GLU A 311 18.47 5.66 7.28
CA GLU A 311 19.47 4.75 7.82
C GLU A 311 19.33 3.33 7.29
N ASN A 312 18.15 2.75 7.53
CA ASN A 312 17.86 1.35 7.16
C ASN A 312 17.05 1.30 5.88
N SER A 313 17.67 1.65 4.76
CA SER A 313 17.00 1.62 3.47
C SER A 313 18.07 1.67 2.38
N MET A 314 17.96 0.80 1.40
CA MET A 314 18.98 0.65 0.38
C MET A 314 18.52 1.34 -0.90
N LEU A 315 19.27 2.36 -1.32
CA LEU A 315 18.90 3.18 -2.47
C LEU A 315 19.70 2.86 -3.72
N THR A 316 20.87 2.24 -3.59
CA THR A 316 21.70 1.92 -4.73
C THR A 316 21.94 0.41 -4.78
N ASP A 317 22.25 -0.07 -5.98
CA ASP A 317 22.58 -1.48 -6.15
C ASP A 317 23.85 -1.79 -5.36
N PRO A 318 23.82 -2.78 -4.46
CA PRO A 318 25.03 -3.09 -3.69
C PRO A 318 26.22 -3.49 -4.56
N GLY A 319 25.97 -4.08 -5.72
CA GLY A 319 27.06 -4.48 -6.59
C GLY A 319 27.74 -5.75 -6.11
N ASN A 320 29.08 -5.75 -6.19
CA ASN A 320 29.99 -6.80 -5.71
C ASN A 320 29.40 -8.20 -5.80
N VAL A 321 29.45 -8.96 -4.70
CA VAL A 321 28.94 -10.33 -4.68
C VAL A 321 27.50 -10.43 -4.19
N GLN A 322 26.98 -9.38 -3.55
CA GLN A 322 25.60 -9.42 -3.08
C GLN A 322 24.65 -9.28 -4.25
N LYS A 323 23.67 -10.20 -4.26
CA LYS A 323 22.66 -10.17 -5.33
C LYS A 323 21.28 -9.90 -4.73
N ALA A 324 20.57 -8.98 -5.35
CA ALA A 324 19.29 -8.55 -4.80
C ALA A 324 18.36 -8.19 -5.95
N VAL A 325 17.05 -8.28 -5.68
CA VAL A 325 16.08 -7.87 -6.67
C VAL A 325 16.14 -6.35 -6.83
N CYS A 326 15.81 -5.88 -8.02
CA CYS A 326 15.81 -4.45 -8.32
C CYS A 326 14.44 -4.01 -8.84
N HIS A 327 13.38 -4.48 -8.19
CA HIS A 327 12.03 -4.03 -8.49
C HIS A 327 11.62 -3.00 -7.47
N PRO A 328 11.35 -1.75 -7.87
CA PRO A 328 11.06 -0.70 -6.88
C PRO A 328 9.80 -1.02 -6.08
N THR A 329 9.97 -1.11 -4.77
CA THR A 329 8.85 -1.38 -3.87
C THR A 329 8.93 -0.45 -2.67
N ALA A 330 7.78 -0.19 -2.06
CA ALA A 330 7.70 0.59 -0.82
C ALA A 330 7.19 -0.31 0.29
N TRP A 331 7.95 -0.39 1.38
CA TRP A 331 7.70 -1.33 2.45
C TRP A 331 7.18 -0.61 3.69
N ASP A 332 6.15 -1.18 4.31
CA ASP A 332 5.62 -0.72 5.58
C ASP A 332 5.72 -1.91 6.52
N LEU A 333 6.87 -2.06 7.15
CA LEU A 333 7.13 -3.19 8.04
C LEU A 333 6.30 -3.13 9.33
N GLY A 334 5.72 -1.99 9.64
CA GLY A 334 4.99 -1.82 10.89
C GLY A 334 5.87 -1.31 12.00
N LYS A 335 5.21 -0.81 13.04
CA LYS A 335 5.88 -0.27 14.22
C LYS A 335 6.83 0.87 13.85
N GLY A 336 6.40 1.74 12.94
CA GLY A 336 7.18 2.91 12.59
C GLY A 336 8.35 2.66 11.68
N ASP A 337 8.49 1.47 11.11
CA ASP A 337 9.60 1.15 10.18
C ASP A 337 9.14 1.26 8.73
N PHE A 338 9.51 2.35 8.06
CA PHE A 338 9.19 2.59 6.66
C PHE A 338 10.49 2.63 5.87
N ARG A 339 10.60 1.83 4.81
CA ARG A 339 11.81 1.70 3.97
C ARG A 339 11.43 1.67 2.49
N ILE A 340 12.37 1.97 1.58
CA ILE A 340 12.19 1.84 0.11
C ILE A 340 13.36 1.06 -0.47
N LEU A 341 13.08 -0.03 -1.18
CA LEU A 341 14.13 -0.74 -1.97
C LEU A 341 13.92 -0.45 -3.45
N MET A 342 14.94 0.15 -4.06
CA MET A 342 14.96 0.57 -5.45
C MET A 342 16.40 0.71 -5.89
N CYS A 343 16.78 0.05 -6.98
CA CYS A 343 18.11 0.18 -7.56
C CYS A 343 18.08 1.37 -8.51
N THR A 344 18.34 2.57 -7.99
CA THR A 344 18.14 3.79 -8.75
C THR A 344 19.39 4.16 -9.53
N LYS A 345 19.18 4.89 -10.63
CA LYS A 345 20.23 5.41 -11.49
C LYS A 345 19.91 6.85 -11.82
N VAL A 346 20.86 7.52 -12.48
CA VAL A 346 20.66 8.92 -12.84
C VAL A 346 19.87 9.00 -14.13
N THR A 347 18.55 9.06 -14.02
CA THR A 347 17.66 9.04 -15.17
C THR A 347 16.33 9.65 -14.76
N MET A 348 15.67 10.30 -15.72
CA MET A 348 14.40 10.98 -15.43
C MET A 348 13.33 9.99 -15.00
N ASP A 349 13.33 8.79 -15.59
CA ASP A 349 12.37 7.77 -15.18
C ASP A 349 12.55 7.41 -13.72
N ASP A 350 13.80 7.29 -13.27
CA ASP A 350 14.06 7.04 -11.85
C ASP A 350 13.62 8.23 -11.00
N PHE A 351 13.78 9.45 -11.54
CA PHE A 351 13.33 10.64 -10.83
C PHE A 351 11.82 10.59 -10.57
N LEU A 352 11.04 10.13 -11.54
CA LEU A 352 9.61 10.03 -11.35
C LEU A 352 9.21 8.83 -10.48
N THR A 353 9.92 7.71 -10.63
CA THR A 353 9.64 6.55 -9.79
C THR A 353 9.91 6.85 -8.33
N ALA A 354 10.89 7.70 -8.05
CA ALA A 354 11.14 8.13 -6.68
C ALA A 354 9.92 8.81 -6.09
N HIS A 355 9.29 9.71 -6.86
CA HIS A 355 8.08 10.37 -6.39
C HIS A 355 6.94 9.37 -6.19
N HIS A 356 6.81 8.43 -7.11
CA HIS A 356 5.75 7.42 -6.99
C HIS A 356 5.87 6.65 -5.67
N GLU A 357 7.06 6.10 -5.40
CA GLU A 357 7.24 5.32 -4.18
C GLU A 357 7.22 6.21 -2.94
N MET A 358 7.66 7.46 -3.06
CA MET A 358 7.60 8.39 -1.94
C MET A 358 6.16 8.65 -1.54
N GLY A 359 5.28 8.79 -2.54
CA GLY A 359 3.86 8.92 -2.25
C GLY A 359 3.27 7.67 -1.62
N HIS A 360 3.70 6.49 -2.08
CA HIS A 360 3.31 5.26 -1.39
C HIS A 360 3.66 5.34 0.09
N ILE A 361 4.90 5.74 0.41
CA ILE A 361 5.33 5.78 1.80
C ILE A 361 4.53 6.80 2.59
N GLN A 362 4.25 7.96 1.99
CA GLN A 362 3.45 8.97 2.69
C GLN A 362 2.05 8.44 3.00
N TYR A 363 1.43 7.77 2.04
CA TYR A 363 0.10 7.24 2.26
C TYR A 363 0.10 6.18 3.35
N ASP A 364 1.17 5.37 3.39
CA ASP A 364 1.31 4.39 4.46
C ASP A 364 1.45 5.07 5.82
N MET A 365 2.26 6.13 5.88
CA MET A 365 2.46 6.86 7.14
C MET A 365 1.16 7.50 7.62
N ALA A 366 0.27 7.85 6.70
CA ALA A 366 -0.93 8.62 7.06
C ALA A 366 -1.82 7.86 8.04
N TYR A 367 -2.06 6.57 7.78
CA TYR A 367 -3.02 5.81 8.58
C TYR A 367 -2.34 4.88 9.59
N ALA A 368 -1.17 5.26 10.10
CA ALA A 368 -0.47 4.42 11.05
C ALA A 368 -1.20 4.28 12.37
N ALA A 369 -2.13 5.18 12.68
CA ALA A 369 -2.85 5.16 13.95
C ALA A 369 -4.11 4.31 13.93
N GLN A 370 -4.50 3.81 12.76
CA GLN A 370 -5.69 2.98 12.67
C GLN A 370 -5.42 1.59 13.22
N PRO A 371 -6.47 0.84 13.57
CA PRO A 371 -6.27 -0.56 13.97
C PRO A 371 -5.62 -1.37 12.87
N PHE A 372 -5.13 -2.55 13.24
CA PHE A 372 -4.29 -3.32 12.32
C PHE A 372 -5.07 -3.74 11.08
N LEU A 373 -6.29 -4.24 11.26
CA LEU A 373 -7.04 -4.75 10.13
C LEU A 373 -7.57 -3.65 9.21
N LEU A 374 -7.48 -2.39 9.63
CA LEU A 374 -7.94 -1.26 8.84
C LEU A 374 -6.79 -0.42 8.29
N ARG A 375 -5.59 -0.98 8.23
CA ARG A 375 -4.41 -0.27 7.71
C ARG A 375 -4.21 -0.68 6.26
N ASN A 376 -5.04 -0.12 5.39
CA ASN A 376 -4.93 -0.34 3.96
C ASN A 376 -5.76 0.73 3.26
N GLY A 377 -5.62 0.82 1.95
CA GLY A 377 -6.38 1.78 1.18
C GLY A 377 -7.87 1.48 1.21
N ALA A 378 -8.67 2.51 0.92
CA ALA A 378 -10.12 2.36 1.00
C ALA A 378 -10.61 1.26 0.05
N ASN A 379 -10.06 1.22 -1.16
CA ASN A 379 -10.28 0.11 -2.07
C ASN A 379 -8.95 -0.17 -2.78
N GLU A 380 -9.01 -1.03 -3.78
CA GLU A 380 -7.79 -1.55 -4.43
C GLU A 380 -7.26 -0.55 -5.47
N GLY A 381 -7.88 0.62 -5.63
CA GLY A 381 -7.45 1.52 -6.67
C GLY A 381 -6.98 2.86 -6.18
N PHE A 382 -7.12 3.13 -4.89
CA PHE A 382 -6.72 4.40 -4.30
C PHE A 382 -5.22 4.54 -4.12
N HIS A 383 -4.56 3.45 -3.71
CA HIS A 383 -3.11 3.51 -3.37
C HIS A 383 -2.28 3.91 -4.57
N GLU A 384 -2.44 3.17 -5.65
CA GLU A 384 -1.67 3.49 -6.86
C GLU A 384 -2.10 4.81 -7.48
N ALA A 385 -3.36 5.21 -7.34
CA ALA A 385 -3.77 6.52 -7.84
C ALA A 385 -3.06 7.63 -7.08
N VAL A 386 -2.97 7.51 -5.75
CA VAL A 386 -2.22 8.48 -4.96
C VAL A 386 -0.76 8.48 -5.35
N GLY A 387 -0.19 7.29 -5.60
CA GLY A 387 1.17 7.23 -6.08
C GLY A 387 1.37 7.93 -7.41
N GLU A 388 0.41 7.77 -8.33
CA GLU A 388 0.58 8.24 -9.69
C GLU A 388 0.37 9.75 -9.84
N ILE A 389 -0.51 10.36 -9.03
CA ILE A 389 -0.73 11.79 -9.19
C ILE A 389 0.55 12.57 -8.88
N MET A 390 1.39 12.06 -7.98
CA MET A 390 2.65 12.74 -7.66
C MET A 390 3.58 12.76 -8.87
N SER A 391 3.74 11.62 -9.53
CA SER A 391 4.55 11.59 -10.75
C SER A 391 3.93 12.43 -11.85
N LEU A 392 2.59 12.52 -11.88
CA LEU A 392 1.94 13.40 -12.84
C LEU A 392 2.32 14.85 -12.61
N SER A 393 2.33 15.28 -11.34
CA SER A 393 2.63 16.67 -11.02
C SER A 393 4.12 17.00 -11.01
N ALA A 394 4.99 15.99 -10.94
CA ALA A 394 6.42 16.24 -10.82
C ALA A 394 7.16 16.25 -12.15
N ALA A 395 6.47 16.05 -13.27
CA ALA A 395 7.09 15.98 -14.58
C ALA A 395 6.75 17.17 -15.46
N THR A 396 6.08 18.18 -14.92
CA THR A 396 5.73 19.36 -15.70
C THR A 396 6.98 20.23 -15.93
N PRO A 397 7.01 20.96 -17.04
CA PRO A 397 8.17 21.85 -17.29
C PRO A 397 8.35 22.92 -16.22
N LYS A 398 7.25 23.40 -15.63
CA LYS A 398 7.37 24.44 -14.61
C LYS A 398 8.10 23.92 -13.38
N HIS A 399 7.78 22.71 -12.93
CA HIS A 399 8.47 22.13 -11.78
C HIS A 399 9.93 21.90 -12.08
N LEU A 400 10.25 21.42 -13.28
CA LEU A 400 11.65 21.19 -13.64
C LEU A 400 12.42 22.49 -13.70
N LYS A 401 11.80 23.55 -14.21
CA LYS A 401 12.45 24.86 -14.23
C LYS A 401 12.64 25.40 -12.82
N SER A 402 11.73 25.07 -11.91
CA SER A 402 11.88 25.52 -10.52
C SER A 402 13.11 24.90 -9.86
N ILE A 403 13.38 23.62 -10.13
CA ILE A 403 14.47 22.92 -9.46
C ILE A 403 15.78 23.02 -10.24
N GLY A 404 15.82 23.75 -11.36
CA GLY A 404 17.05 24.06 -12.02
C GLY A 404 17.49 23.11 -13.12
N LEU A 405 16.82 21.97 -13.27
CA LEU A 405 17.20 21.04 -14.33
C LEU A 405 16.97 21.63 -15.72
N LEU A 406 15.86 22.34 -15.91
CA LEU A 406 15.50 22.91 -17.19
C LEU A 406 15.79 24.41 -17.17
N SER A 407 16.49 24.89 -18.19
CA SER A 407 16.92 26.27 -18.22
C SER A 407 15.73 27.23 -18.33
N PRO A 408 15.84 28.42 -17.74
CA PRO A 408 14.74 29.40 -17.85
C PRO A 408 14.41 29.80 -19.28
N ASP A 409 15.38 29.75 -20.20
CA ASP A 409 15.14 30.19 -21.56
C ASP A 409 14.20 29.26 -22.32
N PHE A 410 13.92 28.08 -21.79
CA PHE A 410 13.04 27.13 -22.46
C PHE A 410 11.65 27.72 -22.65
N GLN A 411 11.10 27.60 -23.86
CA GLN A 411 9.80 28.14 -24.20
C GLN A 411 8.87 27.00 -24.56
N GLU A 412 7.68 26.99 -23.95
CA GLU A 412 6.70 25.94 -24.18
C GLU A 412 5.97 26.21 -25.48
N ASP A 413 6.19 25.37 -26.48
CA ASP A 413 5.50 25.48 -27.75
C ASP A 413 4.38 24.45 -27.84
N ASN A 414 3.40 24.69 -28.70
CA ASN A 414 2.21 23.83 -28.80
C ASN A 414 2.54 22.55 -29.56
N GLU A 415 3.65 22.52 -30.30
CA GLU A 415 4.00 21.29 -31.00
C GLU A 415 4.54 20.21 -30.08
N THR A 416 5.00 20.58 -28.89
CA THR A 416 5.49 19.61 -27.91
C THR A 416 4.41 19.17 -26.94
N GLU A 417 3.45 20.04 -26.64
CA GLU A 417 2.31 19.67 -25.81
C GLU A 417 1.51 18.53 -26.43
N ILE A 418 1.26 18.60 -27.73
CA ILE A 418 0.56 17.52 -28.44
C ILE A 418 1.36 16.23 -28.41
N ASN A 419 2.68 16.31 -28.58
CA ASN A 419 3.50 15.10 -28.50
C ASN A 419 3.40 14.46 -27.13
N PHE A 420 3.48 15.27 -26.08
CA PHE A 420 3.36 14.75 -24.72
C PHE A 420 1.99 14.11 -24.49
N LEU A 421 0.93 14.78 -24.96
CA LEU A 421 -0.41 14.25 -24.78
C LEU A 421 -0.60 12.93 -25.52
N LEU A 422 -0.05 12.81 -26.73
CA LEU A 422 -0.16 11.57 -27.47
C LEU A 422 0.61 10.45 -26.79
N LYS A 423 1.80 10.75 -26.28
CA LYS A 423 2.58 9.73 -25.58
C LYS A 423 1.84 9.27 -24.32
N GLN A 424 1.19 10.19 -23.62
CA GLN A 424 0.40 9.80 -22.47
C GLN A 424 -0.83 8.99 -22.86
N ALA A 425 -1.48 9.35 -23.97
CA ALA A 425 -2.69 8.66 -24.38
C ALA A 425 -2.40 7.24 -24.87
N LEU A 426 -1.23 7.02 -25.45
CA LEU A 426 -0.89 5.67 -25.89
C LEU A 426 -0.75 4.69 -24.75
N THR A 427 -0.66 5.15 -23.51
CA THR A 427 -0.55 4.29 -22.35
C THR A 427 -1.78 4.27 -21.47
N ILE A 428 -2.51 5.38 -21.37
CA ILE A 428 -3.66 5.46 -20.48
C ILE A 428 -4.95 5.09 -21.19
N VAL A 429 -5.23 5.72 -22.34
CA VAL A 429 -6.48 5.47 -23.04
C VAL A 429 -6.47 4.09 -23.69
N GLY A 430 -5.29 3.61 -24.10
CA GLY A 430 -5.23 2.35 -24.84
C GLY A 430 -5.63 1.14 -24.01
N THR A 431 -5.26 1.12 -22.73
CA THR A 431 -5.46 -0.06 -21.91
C THR A 431 -6.87 -0.21 -21.36
N LEU A 432 -7.67 0.86 -21.40
CA LEU A 432 -9.00 0.78 -20.79
C LEU A 432 -9.92 -0.21 -21.52
N PRO A 433 -10.08 -0.17 -22.85
CA PRO A 433 -10.92 -1.19 -23.49
C PRO A 433 -10.42 -2.61 -23.28
N PHE A 434 -9.11 -2.79 -23.25
CA PHE A 434 -8.53 -4.10 -22.99
C PHE A 434 -8.97 -4.61 -21.62
N THR A 435 -8.83 -3.77 -20.60
CA THR A 435 -9.21 -4.17 -19.24
C THR A 435 -10.71 -4.46 -19.15
N TYR A 436 -11.53 -3.60 -19.75
CA TYR A 436 -12.97 -3.81 -19.71
C TYR A 436 -13.37 -5.11 -20.39
N MET A 437 -12.80 -5.39 -21.56
CA MET A 437 -13.12 -6.62 -22.28
C MET A 437 -12.72 -7.84 -21.46
N LEU A 438 -11.52 -7.82 -20.86
CA LEU A 438 -11.06 -8.99 -20.13
C LEU A 438 -11.94 -9.26 -18.92
N GLU A 439 -12.26 -8.21 -18.15
CA GLU A 439 -13.14 -8.40 -17.00
C GLU A 439 -14.52 -8.88 -17.40
N LYS A 440 -15.08 -8.35 -18.48
CA LYS A 440 -16.42 -8.80 -18.87
C LYS A 440 -16.39 -10.26 -19.31
N TRP A 441 -15.34 -10.67 -20.04
CA TRP A 441 -15.23 -12.07 -20.45
C TRP A 441 -15.11 -12.98 -19.22
N ARG A 442 -14.25 -12.62 -18.27
CA ARG A 442 -14.09 -13.47 -17.09
C ARG A 442 -15.37 -13.54 -16.27
N TRP A 443 -16.06 -12.41 -16.14
CA TRP A 443 -17.32 -12.40 -15.39
C TRP A 443 -18.35 -13.31 -16.03
N MET A 444 -18.47 -13.26 -17.36
CA MET A 444 -19.44 -14.15 -18.01
C MET A 444 -19.00 -15.62 -17.95
N VAL A 445 -17.71 -15.90 -18.04
CA VAL A 445 -17.25 -17.29 -17.94
C VAL A 445 -17.57 -17.85 -16.55
N PHE A 446 -17.27 -17.07 -15.51
CA PHE A 446 -17.54 -17.55 -14.15
C PHE A 446 -19.04 -17.67 -13.90
N LYS A 447 -19.83 -16.70 -14.37
CA LYS A 447 -21.27 -16.71 -14.12
C LYS A 447 -21.94 -17.90 -14.81
N GLY A 448 -21.54 -18.20 -16.03
CA GLY A 448 -22.14 -19.30 -16.76
C GLY A 448 -22.88 -18.88 -18.01
N GLU A 449 -22.75 -17.61 -18.40
CA GLU A 449 -23.39 -17.14 -19.61
C GLU A 449 -22.65 -17.57 -20.87
N ILE A 450 -21.40 -17.99 -20.75
CA ILE A 450 -20.61 -18.47 -21.88
C ILE A 450 -20.46 -19.98 -21.74
N PRO A 451 -21.12 -20.77 -22.58
CA PRO A 451 -20.93 -22.22 -22.53
C PRO A 451 -19.46 -22.61 -22.70
N LYS A 452 -19.17 -23.85 -22.29
CA LYS A 452 -17.80 -24.34 -22.30
C LYS A 452 -17.26 -24.47 -23.72
N ASP A 453 -18.14 -24.59 -24.72
CA ASP A 453 -17.71 -24.79 -26.09
C ASP A 453 -17.75 -23.52 -26.94
N GLN A 454 -17.90 -22.35 -26.33
CA GLN A 454 -17.92 -21.08 -27.06
C GLN A 454 -16.93 -20.07 -26.52
N TRP A 455 -15.93 -20.51 -25.75
CA TRP A 455 -15.01 -19.60 -25.07
C TRP A 455 -14.28 -18.68 -26.04
N MET A 456 -13.43 -19.26 -26.91
CA MET A 456 -12.67 -18.45 -27.85
C MET A 456 -13.55 -17.72 -28.86
N LYS A 457 -14.64 -18.35 -29.30
CA LYS A 457 -15.53 -17.69 -30.24
C LYS A 457 -16.14 -16.42 -29.66
N LYS A 458 -16.59 -16.47 -28.41
CA LYS A 458 -17.09 -15.26 -27.77
C LYS A 458 -15.96 -14.27 -27.51
N TRP A 459 -14.79 -14.77 -27.13
CA TRP A 459 -13.66 -13.91 -26.80
C TRP A 459 -13.27 -13.04 -27.98
N TRP A 460 -13.12 -13.65 -29.17
CA TRP A 460 -12.66 -12.88 -30.31
C TRP A 460 -13.72 -11.95 -30.88
N GLU A 461 -15.01 -12.31 -30.81
CA GLU A 461 -16.02 -11.37 -31.27
C GLU A 461 -16.12 -10.17 -30.35
N MET A 462 -15.95 -10.37 -29.04
CA MET A 462 -15.85 -9.22 -28.15
C MET A 462 -14.59 -8.41 -28.43
N LYS A 463 -13.48 -9.09 -28.74
CA LYS A 463 -12.24 -8.41 -29.06
C LYS A 463 -12.42 -7.51 -30.27
N ARG A 464 -13.10 -8.01 -31.30
CA ARG A 464 -13.45 -7.21 -32.48
C ARG A 464 -14.38 -6.06 -32.16
N GLU A 465 -15.44 -6.29 -31.37
CA GLU A 465 -16.46 -5.26 -31.18
C GLU A 465 -15.97 -4.13 -30.29
N ILE A 466 -15.33 -4.46 -29.17
CA ILE A 466 -14.99 -3.45 -28.16
C ILE A 466 -13.63 -2.81 -28.44
N VAL A 467 -12.61 -3.62 -28.76
CA VAL A 467 -11.26 -3.11 -28.87
C VAL A 467 -10.86 -2.78 -30.31
N GLY A 468 -11.52 -3.37 -31.30
CA GLY A 468 -11.12 -3.16 -32.68
C GLY A 468 -9.84 -3.86 -33.06
N VAL A 469 -9.66 -5.09 -32.58
CA VAL A 469 -8.47 -5.89 -32.86
C VAL A 469 -8.91 -7.23 -33.40
N VAL A 470 -8.32 -7.66 -34.51
CA VAL A 470 -8.70 -8.89 -35.19
C VAL A 470 -7.50 -9.84 -35.23
N GLU A 471 -7.77 -11.13 -35.05
CA GLU A 471 -6.73 -12.13 -35.08
C GLU A 471 -6.28 -12.40 -36.52
N PRO A 472 -5.00 -12.71 -36.73
CA PRO A 472 -4.54 -13.00 -38.09
C PRO A 472 -4.84 -14.42 -38.54
N VAL A 473 -5.01 -15.36 -37.60
CA VAL A 473 -5.26 -16.75 -37.93
C VAL A 473 -6.45 -17.25 -37.13
N PRO A 474 -7.23 -18.20 -37.63
CA PRO A 474 -8.44 -18.62 -36.90
C PRO A 474 -8.09 -19.60 -35.79
N HIS A 475 -8.80 -19.46 -34.67
CA HIS A 475 -8.57 -20.25 -33.48
C HIS A 475 -9.83 -21.03 -33.14
N ASP A 476 -9.67 -22.33 -32.92
CA ASP A 476 -10.78 -23.21 -32.57
C ASP A 476 -10.89 -23.32 -31.05
N GLU A 477 -11.74 -24.22 -30.60
CA GLU A 477 -11.96 -24.40 -29.17
C GLU A 477 -10.90 -25.30 -28.56
N THR A 478 -9.63 -24.99 -28.83
CA THR A 478 -8.51 -25.69 -28.21
C THR A 478 -7.49 -24.74 -27.60
N TYR A 479 -7.30 -23.54 -28.15
CA TYR A 479 -6.41 -22.55 -27.57
C TYR A 479 -7.01 -21.98 -26.28
N CYS A 480 -6.18 -21.31 -25.50
CA CYS A 480 -6.60 -20.64 -24.27
C CYS A 480 -5.97 -19.25 -24.20
N ASP A 481 -6.15 -18.47 -25.27
CA ASP A 481 -5.45 -17.20 -25.44
C ASP A 481 -5.52 -16.27 -24.22
N PRO A 482 -6.66 -16.07 -23.55
CA PRO A 482 -6.64 -15.21 -22.35
C PRO A 482 -5.74 -15.71 -21.24
N ALA A 483 -5.48 -17.01 -21.16
CA ALA A 483 -4.59 -17.55 -20.13
C ALA A 483 -3.13 -17.20 -20.36
N SER A 484 -2.86 -16.48 -21.44
CA SER A 484 -1.49 -16.16 -21.87
C SER A 484 -0.96 -14.97 -21.07
N LEU A 485 -1.72 -14.46 -20.10
CA LEU A 485 -1.33 -13.22 -19.37
C LEU A 485 -1.07 -13.54 -17.90
N PHE A 486 -0.11 -12.84 -17.29
CA PHE A 486 0.29 -13.18 -15.92
C PHE A 486 -0.96 -13.29 -15.08
N HIS A 487 -1.90 -12.40 -15.33
CA HIS A 487 -2.92 -12.11 -14.30
C HIS A 487 -4.02 -13.17 -14.37
N VAL A 488 -4.26 -13.76 -15.54
CA VAL A 488 -5.24 -14.81 -15.73
C VAL A 488 -4.67 -16.16 -15.28
N SER A 489 -3.38 -16.38 -15.50
CA SER A 489 -2.74 -17.63 -15.13
C SER A 489 -2.32 -17.70 -13.67
N ASN A 490 -2.52 -16.62 -12.91
CA ASN A 490 -2.06 -16.58 -11.52
C ASN A 490 -3.08 -15.97 -10.57
N ASP A 491 -4.35 -15.89 -10.98
CA ASP A 491 -5.47 -15.56 -10.09
C ASP A 491 -5.29 -14.19 -9.43
N TYR A 492 -5.30 -13.15 -10.26
CA TYR A 492 -5.39 -11.78 -9.80
C TYR A 492 -6.54 -11.06 -10.48
N SER A 493 -7.10 -10.07 -9.78
CA SER A 493 -8.12 -9.22 -10.34
C SER A 493 -7.51 -8.24 -11.34
N PHE A 494 -8.36 -7.66 -12.19
CA PHE A 494 -7.87 -6.81 -13.26
C PHE A 494 -8.63 -5.49 -13.42
N ILE A 495 -9.73 -5.26 -12.69
CA ILE A 495 -10.47 -4.00 -12.81
C ILE A 495 -9.86 -2.88 -11.99
N ARG A 496 -8.91 -3.22 -11.13
CA ARG A 496 -8.24 -2.21 -10.31
C ARG A 496 -7.58 -1.15 -11.18
N TYR A 497 -7.09 -1.54 -12.36
CA TYR A 497 -6.42 -0.58 -13.24
C TYR A 497 -7.40 0.41 -13.83
N TYR A 498 -8.56 -0.06 -14.28
CA TYR A 498 -9.62 0.81 -14.75
C TYR A 498 -10.00 1.82 -13.67
N THR A 499 -10.26 1.33 -12.46
CA THR A 499 -10.70 2.21 -11.39
C THR A 499 -9.63 3.22 -11.00
N ARG A 500 -8.37 2.78 -10.93
CA ARG A 500 -7.28 3.68 -10.59
C ARG A 500 -7.11 4.78 -11.64
N THR A 501 -7.20 4.39 -12.92
CA THR A 501 -7.08 5.38 -13.99
C THR A 501 -8.17 6.42 -13.89
N LEU A 502 -9.40 6.01 -13.61
CA LEU A 502 -10.46 7.00 -13.49
C LEU A 502 -10.42 7.79 -12.19
N TYR A 503 -9.75 7.28 -11.15
CA TYR A 503 -9.68 8.02 -9.90
C TYR A 503 -8.58 9.07 -9.90
N GLN A 504 -7.45 8.79 -10.56
CA GLN A 504 -6.31 9.69 -10.45
C GLN A 504 -6.63 11.07 -11.02
N PHE A 505 -7.37 11.13 -12.12
CA PHE A 505 -7.66 12.43 -12.72
C PHE A 505 -8.72 13.19 -11.94
N GLN A 506 -9.66 12.50 -11.29
CA GLN A 506 -10.57 13.16 -10.36
C GLN A 506 -9.77 13.83 -9.24
N PHE A 507 -8.85 13.08 -8.63
CA PHE A 507 -8.03 13.65 -7.57
C PHE A 507 -7.22 14.83 -8.07
N GLN A 508 -6.63 14.71 -9.26
CA GLN A 508 -5.79 15.78 -9.80
C GLN A 508 -6.61 17.04 -10.05
N GLU A 509 -7.80 16.89 -10.64
CA GLU A 509 -8.62 18.08 -10.87
C GLU A 509 -9.04 18.73 -9.57
N ALA A 510 -9.40 17.94 -8.57
CA ALA A 510 -9.78 18.53 -7.29
C ALA A 510 -8.61 19.31 -6.68
N LEU A 511 -7.42 18.71 -6.68
CA LEU A 511 -6.28 19.38 -6.08
C LEU A 511 -5.87 20.62 -6.86
N CYS A 512 -5.94 20.57 -8.19
CA CYS A 512 -5.60 21.74 -9.00
C CYS A 512 -6.62 22.86 -8.79
N GLN A 513 -7.89 22.52 -8.63
CA GLN A 513 -8.90 23.52 -8.31
C GLN A 513 -8.61 24.15 -6.96
N ALA A 514 -8.17 23.35 -5.99
CA ALA A 514 -7.82 23.90 -4.68
C ALA A 514 -6.60 24.81 -4.74
N ALA A 515 -5.78 24.71 -5.77
CA ALA A 515 -4.54 25.47 -5.87
C ALA A 515 -4.65 26.70 -6.77
N LYS A 516 -5.85 27.06 -7.20
CA LYS A 516 -6.08 28.27 -8.01
C LYS A 516 -5.23 28.29 -9.27
N HIS A 517 -5.17 27.16 -9.97
CA HIS A 517 -4.45 27.09 -11.22
C HIS A 517 -5.34 27.53 -12.37
N GLU A 518 -4.76 28.29 -13.30
CA GLU A 518 -5.49 28.80 -14.46
C GLU A 518 -4.85 28.27 -15.73
N GLY A 519 -5.67 27.70 -16.61
CA GLY A 519 -5.20 27.19 -17.88
C GLY A 519 -5.57 25.73 -18.10
N PRO A 520 -4.85 25.07 -18.99
CA PRO A 520 -5.07 23.63 -19.20
C PRO A 520 -4.74 22.82 -17.96
N LEU A 521 -5.43 21.69 -17.84
CA LEU A 521 -5.26 20.85 -16.64
C LEU A 521 -3.94 20.10 -16.66
N HIS A 522 -3.40 19.79 -17.84
CA HIS A 522 -2.20 18.98 -17.92
C HIS A 522 -0.94 19.75 -17.58
N LYS A 523 -1.02 21.07 -17.39
CA LYS A 523 0.12 21.90 -17.02
C LYS A 523 -0.02 22.38 -15.58
N CYS A 524 -0.49 21.50 -14.70
CA CYS A 524 -0.79 21.84 -13.32
C CYS A 524 0.26 21.26 -12.37
N ASP A 525 0.70 22.08 -11.43
CA ASP A 525 1.60 21.66 -10.37
C ASP A 525 0.97 22.04 -9.04
N ILE A 526 0.92 21.08 -8.11
CA ILE A 526 0.35 21.32 -6.80
C ILE A 526 1.43 21.71 -5.77
N SER A 527 2.60 22.10 -6.25
CA SER A 527 3.67 22.53 -5.36
C SER A 527 3.30 23.84 -4.68
N ASN A 528 3.85 24.02 -3.46
CA ASN A 528 3.69 25.25 -2.70
C ASN A 528 2.23 25.57 -2.40
N SER A 529 1.40 24.55 -2.22
CA SER A 529 -0.02 24.74 -1.95
C SER A 529 -0.40 23.87 -0.75
N THR A 530 -0.58 24.51 0.41
CA THR A 530 -0.94 23.77 1.62
C THR A 530 -2.40 23.35 1.64
N GLU A 531 -3.26 24.09 0.94
CA GLU A 531 -4.68 23.72 0.87
C GLU A 531 -4.85 22.35 0.23
N ALA A 532 -4.16 22.10 -0.89
CA ALA A 532 -4.24 20.81 -1.55
C ALA A 532 -3.71 19.70 -0.65
N GLY A 533 -2.61 19.97 0.06
CA GLY A 533 -2.07 18.99 0.97
C GLY A 533 -3.04 18.62 2.08
N GLN A 534 -3.71 19.62 2.66
CA GLN A 534 -4.70 19.35 3.70
C GLN A 534 -5.89 18.56 3.15
N LYS A 535 -6.37 18.95 1.97
CA LYS A 535 -7.50 18.24 1.36
C LYS A 535 -7.15 16.78 1.10
N LEU A 536 -5.92 16.52 0.66
CA LEU A 536 -5.49 15.15 0.42
C LEU A 536 -5.33 14.39 1.72
N PHE A 537 -4.67 14.99 2.71
CA PHE A 537 -4.41 14.32 3.98
C PHE A 537 -5.71 13.95 4.68
N ASN A 538 -6.76 14.74 4.49
CA ASN A 538 -8.05 14.41 5.11
C ASN A 538 -8.55 13.04 4.67
N MET A 539 -8.20 12.60 3.46
CA MET A 539 -8.60 11.27 3.00
C MET A 539 -7.53 10.23 3.29
N LEU A 540 -6.25 10.59 3.16
CA LEU A 540 -5.18 9.66 3.51
C LEU A 540 -5.26 9.21 4.96
N ARG A 541 -5.81 10.04 5.86
CA ARG A 541 -5.86 9.68 7.27
C ARG A 541 -6.81 8.52 7.56
N LEU A 542 -7.89 8.38 6.76
CA LEU A 542 -8.98 7.50 7.14
C LEU A 542 -8.59 6.03 7.08
N GLY A 543 -7.97 5.60 5.98
CA GLY A 543 -7.71 4.17 5.82
C GLY A 543 -8.97 3.46 5.35
N LYS A 544 -9.22 2.30 5.95
CA LYS A 544 -10.43 1.53 5.68
C LYS A 544 -11.52 1.75 6.70
N SER A 545 -11.37 2.75 7.57
CA SER A 545 -12.37 2.98 8.62
C SER A 545 -13.71 3.37 8.02
N GLU A 546 -13.71 4.21 7.00
CA GLU A 546 -14.92 4.71 6.38
C GLU A 546 -15.12 4.10 5.00
N PRO A 547 -16.37 4.07 4.52
CA PRO A 547 -16.60 3.59 3.15
C PRO A 547 -15.84 4.42 2.13
N TRP A 548 -15.42 3.76 1.05
CA TRP A 548 -14.65 4.45 0.03
C TRP A 548 -15.44 5.54 -0.67
N THR A 549 -16.77 5.45 -0.65
CA THR A 549 -17.60 6.53 -1.18
C THR A 549 -17.37 7.83 -0.38
N LEU A 550 -17.34 7.73 0.95
CA LEU A 550 -17.10 8.90 1.77
C LEU A 550 -15.69 9.43 1.58
N ALA A 551 -14.71 8.54 1.44
CA ALA A 551 -13.33 8.97 1.22
C ALA A 551 -13.20 9.71 -0.10
N LEU A 552 -13.88 9.23 -1.14
CA LEU A 552 -13.87 9.92 -2.42
C LEU A 552 -14.58 11.27 -2.33
N GLU A 553 -15.69 11.32 -1.58
CA GLU A 553 -16.42 12.58 -1.42
C GLU A 553 -15.60 13.62 -0.67
N ASN A 554 -14.74 13.18 0.26
CA ASN A 554 -13.93 14.13 1.02
C ASN A 554 -13.03 14.96 0.12
N VAL A 555 -12.54 14.38 -0.98
CA VAL A 555 -11.60 15.06 -1.87
C VAL A 555 -12.32 15.65 -3.08
N VAL A 556 -13.10 14.84 -3.78
CA VAL A 556 -13.66 15.26 -5.06
C VAL A 556 -14.96 16.02 -4.89
N GLY A 557 -15.87 15.53 -4.05
CA GLY A 557 -17.19 16.10 -3.95
C GLY A 557 -18.30 15.25 -4.51
N ALA A 558 -18.01 14.02 -4.91
CA ALA A 558 -19.00 13.11 -5.46
C ALA A 558 -18.82 11.73 -4.83
N LYS A 559 -19.89 10.94 -4.86
CA LYS A 559 -19.91 9.63 -4.23
C LYS A 559 -19.70 8.49 -5.22
N ASN A 560 -19.35 8.79 -6.47
CA ASN A 560 -19.23 7.74 -7.46
C ASN A 560 -18.12 8.11 -8.44
N MET A 561 -17.59 7.12 -9.16
CA MET A 561 -16.49 7.34 -10.12
C MET A 561 -17.01 8.05 -11.37
N ASN A 562 -16.26 9.00 -11.90
CA ASN A 562 -16.73 9.92 -12.96
C ASN A 562 -15.62 10.05 -14.00
N VAL A 563 -15.98 10.19 -15.27
CA VAL A 563 -15.01 10.01 -16.38
C VAL A 563 -14.97 11.29 -17.20
N ARG A 564 -15.41 12.38 -16.60
CA ARG A 564 -15.30 13.72 -17.18
C ARG A 564 -13.94 14.38 -16.96
N PRO A 565 -13.31 14.29 -15.78
CA PRO A 565 -11.96 14.87 -15.65
C PRO A 565 -10.93 14.30 -16.62
N LEU A 566 -10.97 13.00 -16.88
CA LEU A 566 -10.03 12.41 -17.83
C LEU A 566 -10.23 12.99 -19.22
N LEU A 567 -11.48 13.19 -19.63
CA LEU A 567 -11.74 13.82 -20.92
C LEU A 567 -11.28 15.27 -20.92
N ASN A 568 -11.39 15.96 -19.78
CA ASN A 568 -10.88 17.32 -19.68
C ASN A 568 -9.37 17.36 -19.82
N TYR A 569 -8.68 16.30 -19.39
CA TYR A 569 -7.23 16.25 -19.52
C TYR A 569 -6.79 16.21 -20.98
N PHE A 570 -7.55 15.54 -21.83
CA PHE A 570 -7.16 15.26 -23.21
C PHE A 570 -7.92 16.12 -24.23
N GLU A 571 -8.41 17.29 -23.83
CA GLU A 571 -9.17 18.12 -24.77
C GLU A 571 -8.33 18.62 -25.95
N PRO A 572 -7.13 19.19 -25.75
CA PRO A 572 -6.35 19.63 -26.93
C PRO A 572 -6.04 18.50 -27.89
N LEU A 573 -5.72 17.31 -27.36
CA LEU A 573 -5.47 16.16 -28.22
C LEU A 573 -6.71 15.77 -28.99
N PHE A 574 -7.88 15.91 -28.35
CA PHE A 574 -9.14 15.50 -29.03
C PHE A 574 -9.44 16.47 -30.15
N THR A 575 -9.21 17.75 -29.93
CA THR A 575 -9.42 18.73 -30.99
C THR A 575 -8.45 18.51 -32.14
N TRP A 576 -7.17 18.25 -31.82
CA TRP A 576 -6.19 18.02 -32.87
C TRP A 576 -6.50 16.77 -33.67
N LEU A 577 -6.95 15.71 -33.00
CA LEU A 577 -7.28 14.48 -33.72
C LEU A 577 -8.50 14.67 -34.60
N LYS A 578 -9.51 15.41 -34.13
CA LYS A 578 -10.65 15.71 -35.00
C LYS A 578 -10.21 16.52 -36.21
N ASP A 579 -9.28 17.46 -36.03
CA ASP A 579 -8.76 18.21 -37.16
C ASP A 579 -8.02 17.31 -38.14
N GLN A 580 -7.22 16.37 -37.63
CA GLN A 580 -6.41 15.53 -38.50
C GLN A 580 -7.21 14.41 -39.17
N ASN A 581 -8.37 14.04 -38.63
CA ASN A 581 -9.14 12.92 -39.16
C ASN A 581 -10.31 13.38 -40.01
N LYS A 582 -10.16 14.48 -40.76
CA LYS A 582 -11.24 14.99 -41.59
C LYS A 582 -11.29 14.34 -42.97
N ASN A 583 -10.36 13.44 -43.30
CA ASN A 583 -10.35 12.78 -44.59
C ASN A 583 -10.28 11.27 -44.48
N SER A 584 -10.46 10.71 -43.29
CA SER A 584 -10.43 9.27 -43.07
C SER A 584 -11.75 8.82 -42.48
N PHE A 585 -11.81 7.54 -42.09
CA PHE A 585 -13.01 6.93 -41.55
C PHE A 585 -12.78 6.65 -40.06
N VAL A 586 -13.66 7.17 -39.22
CA VAL A 586 -13.60 6.93 -37.78
C VAL A 586 -14.56 5.80 -37.44
N GLY A 587 -14.02 4.71 -36.90
CA GLY A 587 -14.78 3.50 -36.64
C GLY A 587 -14.26 2.33 -37.44
N TRP A 588 -14.67 1.15 -37.01
CA TRP A 588 -14.20 -0.09 -37.61
C TRP A 588 -15.36 -1.03 -37.85
N SER A 589 -15.21 -1.92 -38.83
CA SER A 589 -16.21 -2.90 -39.19
C SER A 589 -15.72 -4.28 -38.82
N THR A 590 -16.59 -5.06 -38.17
CA THR A 590 -16.21 -6.38 -37.66
C THR A 590 -16.48 -7.48 -38.69
N ASP A 591 -16.01 -7.27 -39.90
CA ASP A 591 -16.12 -8.28 -40.96
C ASP A 591 -14.80 -8.58 -41.63
N TRP A 592 -13.94 -7.57 -41.82
CA TRP A 592 -12.67 -7.78 -42.48
C TRP A 592 -11.72 -8.59 -41.60
N SER A 593 -11.08 -9.59 -42.19
CA SER A 593 -10.13 -10.43 -41.48
C SER A 593 -8.91 -10.66 -42.35
N PRO A 594 -7.70 -10.53 -41.79
CA PRO A 594 -6.49 -10.74 -42.60
C PRO A 594 -6.34 -12.15 -43.13
N TYR A 595 -7.03 -13.14 -42.55
CA TYR A 595 -7.04 -14.49 -43.09
C TYR A 595 -8.23 -14.75 -44.00
N ALA A 596 -9.05 -13.72 -44.26
CA ALA A 596 -10.20 -13.82 -45.15
C ALA A 596 -11.14 -14.97 -44.76
N THR B 1 27.44 18.75 52.13
CA THR B 1 27.48 17.48 52.92
C THR B 1 26.68 16.36 52.22
N ASN B 2 26.73 15.11 52.71
CA ASN B 2 25.73 14.05 52.43
C ASN B 2 24.85 14.31 51.20
N LEU B 3 25.07 13.68 50.04
CA LEU B 3 24.39 14.07 48.78
C LEU B 3 23.37 13.05 48.24
N CYS B 4 22.05 13.37 48.27
CA CYS B 4 21.02 12.36 48.09
C CYS B 4 21.35 11.49 46.87
N PRO B 5 21.03 10.21 46.92
CA PRO B 5 21.49 9.29 45.84
C PRO B 5 20.59 9.31 44.62
N PHE B 6 20.67 10.40 43.86
CA PHE B 6 20.00 10.47 42.57
C PHE B 6 20.75 9.69 41.48
N ASP B 7 21.96 9.29 41.71
CA ASP B 7 22.63 8.62 40.58
C ASP B 7 22.62 7.10 40.81
N GLU B 8 21.82 6.63 41.74
CA GLU B 8 21.36 5.25 41.76
C GLU B 8 19.96 5.11 41.16
N VAL B 9 19.28 6.21 40.89
CA VAL B 9 17.98 6.19 40.25
C VAL B 9 18.06 6.51 38.76
N PHE B 10 18.85 7.51 38.37
CA PHE B 10 18.94 7.95 36.99
C PHE B 10 20.00 7.20 36.20
N ASN B 11 20.71 6.26 36.82
CA ASN B 11 21.85 5.63 36.17
C ASN B 11 21.94 4.14 36.39
N ALA B 12 20.88 3.48 36.86
CA ALA B 12 20.94 2.06 37.15
C ALA B 12 21.04 1.25 35.86
N THR B 13 21.61 0.06 35.98
CA THR B 13 21.81 -0.78 34.80
C THR B 13 20.50 -1.35 34.28
N ARG B 14 19.58 -1.68 35.19
CA ARG B 14 18.30 -2.27 34.82
C ARG B 14 17.17 -1.51 35.49
N PHE B 15 16.19 -1.10 34.71
CA PHE B 15 14.96 -0.50 35.22
C PHE B 15 13.89 -1.57 35.37
N ALA B 16 12.81 -1.20 36.04
CA ALA B 16 11.73 -2.14 36.31
C ALA B 16 10.64 -2.02 35.25
N SER B 17 9.78 -3.04 35.22
CA SER B 17 8.64 -3.03 34.31
C SER B 17 7.61 -2.02 34.77
N VAL B 18 6.62 -1.77 33.91
CA VAL B 18 5.62 -0.76 34.22
C VAL B 18 4.73 -1.20 35.37
N TYR B 19 4.34 -2.48 35.39
CA TYR B 19 3.40 -2.96 36.40
C TYR B 19 4.07 -3.24 37.73
N ALA B 20 5.40 -3.24 37.80
CA ALA B 20 6.16 -3.45 39.02
C ALA B 20 7.12 -2.30 39.25
N TRP B 21 6.59 -1.07 39.13
CA TRP B 21 7.44 0.11 39.21
C TRP B 21 8.07 0.24 40.58
N ASN B 22 9.39 0.45 40.60
CA ASN B 22 10.12 0.60 41.85
C ASN B 22 9.79 1.93 42.50
N ARG B 23 9.54 2.01 43.80
CA ARG B 23 9.48 3.33 44.46
C ARG B 23 10.55 3.35 45.54
N LYS B 24 11.35 4.41 45.54
CA LYS B 24 12.46 4.65 46.49
C LYS B 24 12.19 5.89 47.33
N ARG B 25 12.15 5.76 48.65
CA ARG B 25 11.96 6.88 49.60
C ARG B 25 13.31 7.54 49.84
N ILE B 26 13.33 8.85 49.71
CA ILE B 26 14.50 9.69 49.90
C ILE B 26 14.23 10.62 51.08
N SER B 27 15.08 10.54 52.10
CA SER B 27 14.89 11.36 53.28
C SER B 27 16.21 11.53 54.00
N ASN B 28 16.28 12.58 54.82
CA ASN B 28 17.44 12.84 55.69
C ASN B 28 18.71 13.05 54.88
N CYS B 29 18.63 13.84 53.81
CA CYS B 29 19.81 14.15 53.01
C CYS B 29 19.59 15.45 52.27
N VAL B 30 20.69 16.08 51.85
CA VAL B 30 20.65 17.31 51.09
C VAL B 30 20.65 16.98 49.60
N ALA B 31 19.65 17.48 48.88
CA ALA B 31 19.44 17.13 47.49
C ALA B 31 19.66 18.36 46.62
N ASP B 32 20.59 18.26 45.70
CA ASP B 32 20.80 19.29 44.68
C ASP B 32 20.16 18.84 43.38
N TYR B 33 19.21 19.63 42.89
CA TYR B 33 18.52 19.32 41.65
C TYR B 33 19.27 19.92 40.47
N SER B 34 20.57 19.64 40.39
CA SER B 34 21.40 20.16 39.31
C SER B 34 22.16 19.08 38.56
N VAL B 35 22.57 17.99 39.21
CA VAL B 35 23.12 16.86 38.48
C VAL B 35 22.06 16.21 37.60
N LEU B 36 20.78 16.44 37.91
CA LEU B 36 19.70 15.92 37.08
C LEU B 36 19.74 16.53 35.69
N TYR B 37 19.99 17.84 35.60
CA TYR B 37 20.06 18.50 34.30
C TYR B 37 21.22 18.00 33.45
N ASN B 38 22.24 17.40 34.05
CA ASN B 38 23.39 16.89 33.31
C ASN B 38 23.06 15.50 32.78
N PHE B 39 21.93 15.46 32.06
CA PHE B 39 21.62 14.54 30.93
C PHE B 39 21.62 15.37 29.64
N ALA B 40 20.75 15.04 28.68
CA ALA B 40 20.85 15.73 27.37
C ALA B 40 19.46 16.01 26.79
N PRO B 41 18.73 15.02 26.24
CA PRO B 41 17.66 15.31 25.32
C PRO B 41 16.33 15.55 26.04
N PHE B 42 16.29 15.16 27.30
CA PHE B 42 15.10 15.22 28.17
C PHE B 42 13.83 15.51 27.35
N PHE B 43 13.45 14.51 26.55
CA PHE B 43 12.23 14.53 25.75
C PHE B 43 11.05 15.16 26.47
N ALA B 44 10.91 14.90 27.77
CA ALA B 44 9.87 15.53 28.58
C ALA B 44 10.43 15.87 29.96
N PHE B 45 10.25 17.12 30.37
CA PHE B 45 10.71 17.58 31.69
C PHE B 45 9.63 18.47 32.32
N LYS B 46 8.39 18.02 32.27
CA LYS B 46 7.27 18.80 32.77
C LYS B 46 7.20 18.75 34.28
N CYS B 47 6.90 19.88 34.90
CA CYS B 47 6.78 20.00 36.35
C CYS B 47 5.39 20.57 36.69
N TYR B 48 4.69 19.89 37.59
CA TYR B 48 3.33 20.26 37.97
C TYR B 48 3.33 20.75 39.41
N GLY B 49 2.93 22.00 39.60
CA GLY B 49 2.79 22.56 40.93
C GLY B 49 4.07 23.00 41.59
N VAL B 50 5.21 22.87 40.93
CA VAL B 50 6.50 23.27 41.49
C VAL B 50 7.29 23.99 40.41
N SER B 51 7.94 25.09 40.79
CA SER B 51 8.77 25.82 39.85
C SER B 51 10.12 25.13 39.69
N PRO B 52 10.51 24.75 38.47
CA PRO B 52 11.83 24.13 38.30
C PRO B 52 12.99 25.05 38.64
N THR B 53 12.85 26.35 38.36
CA THR B 53 13.92 27.29 38.66
C THR B 53 14.04 27.53 40.16
N LYS B 54 12.90 27.75 40.83
CA LYS B 54 12.89 27.93 42.27
C LYS B 54 12.90 26.61 43.03
N LEU B 55 13.34 25.53 42.39
CA LEU B 55 13.31 24.22 43.03
C LEU B 55 14.28 24.15 44.19
N ASN B 56 15.45 24.77 44.06
CA ASN B 56 16.40 24.78 45.17
C ASN B 56 16.10 25.91 46.15
N ASP B 57 14.82 26.04 46.53
CA ASP B 57 14.43 27.00 47.55
C ASP B 57 13.37 26.47 48.51
N LEU B 58 12.72 25.35 48.22
CA LEU B 58 11.64 24.83 49.03
C LEU B 58 12.07 23.54 49.71
N CYS B 59 11.52 23.29 50.89
CA CYS B 59 11.86 22.12 51.69
C CYS B 59 10.65 21.20 51.79
N PHE B 60 10.91 19.89 51.77
CA PHE B 60 9.89 18.87 51.83
C PHE B 60 10.29 17.81 52.84
N THR B 61 9.30 17.05 53.33
CA THR B 61 9.60 16.02 54.32
C THR B 61 9.98 14.70 53.67
N ASN B 62 9.35 14.35 52.55
CA ASN B 62 9.66 13.14 51.80
C ASN B 62 9.75 13.45 50.33
N VAL B 63 10.63 12.75 49.63
CA VAL B 63 10.71 12.78 48.18
C VAL B 63 10.70 11.35 47.68
N TYR B 64 9.82 11.06 46.72
CA TYR B 64 9.67 9.72 46.15
C TYR B 64 10.11 9.73 44.70
N ALA B 65 10.81 8.67 44.29
CA ALA B 65 11.29 8.54 42.92
C ALA B 65 10.89 7.18 42.38
N ASP B 66 10.05 7.17 41.35
CA ASP B 66 9.57 5.95 40.72
C ASP B 66 10.27 5.74 39.39
N SER B 67 10.47 4.47 39.02
CA SER B 67 11.23 4.11 37.83
C SER B 67 10.51 3.02 37.07
N PHE B 68 10.31 3.23 35.77
CA PHE B 68 9.78 2.20 34.89
C PHE B 68 10.12 2.56 33.45
N VAL B 69 10.00 1.57 32.56
CA VAL B 69 10.29 1.73 31.14
C VAL B 69 9.02 1.49 30.35
N ILE B 70 8.62 2.49 29.56
CA ILE B 70 7.41 2.45 28.75
C ILE B 70 7.78 2.68 27.29
N ARG B 71 6.76 2.71 26.45
CA ARG B 71 6.91 3.01 25.03
C ARG B 71 6.99 4.51 24.81
N GLY B 72 7.40 4.89 23.59
CA GLY B 72 7.58 6.30 23.28
C GLY B 72 6.28 7.09 23.26
N ASN B 73 5.23 6.52 22.67
CA ASN B 73 3.98 7.24 22.51
C ASN B 73 3.10 7.20 23.76
N GLU B 74 3.51 6.48 24.80
CA GLU B 74 2.77 6.41 26.05
C GLU B 74 3.28 7.37 27.10
N VAL B 75 4.28 8.20 26.78
CA VAL B 75 4.81 9.15 27.74
C VAL B 75 3.74 10.19 28.13
N SER B 76 2.92 10.59 27.16
CA SER B 76 1.89 11.58 27.42
C SER B 76 0.82 11.08 28.39
N GLN B 77 0.78 9.78 28.66
CA GLN B 77 -0.19 9.23 29.59
C GLN B 77 0.25 9.35 31.05
N ILE B 78 1.49 9.74 31.31
CA ILE B 78 1.95 10.00 32.67
C ILE B 78 1.80 11.51 32.89
N ALA B 79 0.62 11.90 33.35
CA ALA B 79 0.24 13.28 33.63
C ALA B 79 -1.09 13.26 34.38
N PRO B 80 -1.35 14.24 35.23
CA PRO B 80 -2.60 14.22 36.00
C PRO B 80 -3.80 14.40 35.08
N GLY B 81 -4.75 13.48 35.19
CA GLY B 81 -5.99 13.57 34.45
C GLY B 81 -5.91 13.08 33.02
N GLN B 82 -5.34 11.90 32.81
CA GLN B 82 -5.24 11.28 31.50
C GLN B 82 -5.84 9.90 31.53
N THR B 83 -6.45 9.50 30.42
CA THR B 83 -7.10 8.21 30.29
C THR B 83 -6.42 7.41 29.19
N GLY B 84 -6.36 6.10 29.37
CA GLY B 84 -5.73 5.23 28.40
C GLY B 84 -5.52 3.83 28.92
N ASN B 85 -4.36 3.26 28.62
CA ASN B 85 -4.03 1.90 29.04
C ASN B 85 -2.99 1.88 30.16
N ILE B 86 -1.95 2.69 30.04
CA ILE B 86 -0.95 2.76 31.10
C ILE B 86 -1.52 3.46 32.33
N ALA B 87 -2.28 4.52 32.12
CA ALA B 87 -2.81 5.33 33.22
C ALA B 87 -4.09 4.79 33.81
N ASP B 88 -4.47 3.55 33.48
CA ASP B 88 -5.71 2.98 34.01
C ASP B 88 -5.44 1.63 34.66
N TYR B 89 -4.44 0.90 34.15
CA TYR B 89 -4.13 -0.43 34.65
C TYR B 89 -2.71 -0.57 35.18
N ASN B 90 -1.82 0.40 34.93
CA ASN B 90 -0.42 0.26 35.30
C ASN B 90 0.06 1.30 36.30
N TYR B 91 -0.16 2.58 36.02
CA TYR B 91 0.40 3.65 36.86
C TYR B 91 -0.48 4.88 36.74
N LYS B 92 -1.15 5.31 37.82
CA LYS B 92 -2.02 6.52 37.76
C LYS B 92 -1.61 7.51 38.84
N LEU B 93 -1.63 8.80 38.50
CA LEU B 93 -1.24 9.94 39.33
C LEU B 93 -2.47 10.69 39.81
N PRO B 94 -2.43 11.23 41.03
CA PRO B 94 -3.57 12.02 41.52
C PRO B 94 -3.70 13.34 40.78
N ASP B 95 -4.91 13.88 40.77
CA ASP B 95 -5.16 15.14 40.08
C ASP B 95 -4.42 16.29 40.73
N ASP B 96 -4.42 16.36 42.07
CA ASP B 96 -3.69 17.39 42.80
C ASP B 96 -2.28 16.86 43.06
N PHE B 97 -1.49 16.83 41.98
CA PHE B 97 -0.16 16.24 42.01
C PHE B 97 0.88 17.33 42.05
N THR B 98 1.86 17.17 42.94
CA THR B 98 3.01 18.07 43.01
C THR B 98 4.26 17.25 42.72
N GLY B 99 5.03 17.67 41.72
CA GLY B 99 6.20 16.93 41.33
C GLY B 99 6.54 17.19 39.87
N CYS B 100 7.51 16.41 39.38
CA CYS B 100 8.03 16.55 38.03
C CYS B 100 8.12 15.18 37.37
N VAL B 101 7.95 15.16 36.05
CA VAL B 101 8.02 13.94 35.25
C VAL B 101 9.14 14.08 34.24
N ILE B 102 10.06 13.12 34.22
CA ILE B 102 11.25 13.18 33.39
C ILE B 102 11.32 11.89 32.56
N ALA B 103 11.57 12.06 31.25
CA ALA B 103 11.69 10.93 30.35
C ALA B 103 12.83 11.16 29.37
N TRP B 104 13.44 10.07 28.91
CA TRP B 104 14.49 10.16 27.91
C TRP B 104 14.58 8.84 27.16
N ASN B 105 15.21 8.89 25.99
CA ASN B 105 15.30 7.74 25.11
C ASN B 105 16.40 6.78 25.57
N SER B 106 16.12 5.48 25.46
CA SER B 106 17.07 4.45 25.87
C SER B 106 17.13 3.35 24.83
N ASN B 107 17.16 3.73 23.55
CA ASN B 107 17.20 2.74 22.49
C ASN B 107 18.52 1.96 22.49
N LYS B 108 19.64 2.63 22.76
CA LYS B 108 20.93 1.97 22.69
C LYS B 108 21.18 1.01 23.83
N LEU B 109 20.33 1.00 24.86
CA LEU B 109 20.52 0.15 26.02
C LEU B 109 19.46 -0.93 26.15
N ASP B 110 18.18 -0.57 26.08
CA ASP B 110 17.09 -1.50 26.34
C ASP B 110 16.49 -2.08 25.05
N SER B 111 17.30 -2.23 24.01
CA SER B 111 16.82 -2.78 22.75
C SER B 111 17.90 -3.67 22.16
N LYS B 112 17.51 -4.86 21.72
CA LYS B 112 18.44 -5.82 21.16
C LYS B 112 17.84 -6.44 19.91
N VAL B 113 18.71 -6.94 19.04
CA VAL B 113 18.29 -7.59 17.81
C VAL B 113 17.74 -8.97 18.15
N GLY B 114 16.46 -9.20 17.86
CA GLY B 114 15.76 -10.43 18.18
C GLY B 114 14.59 -10.24 19.12
N GLY B 115 14.65 -9.22 19.97
CA GLY B 115 13.55 -8.92 20.86
C GLY B 115 13.93 -8.93 22.32
N ASN B 116 13.73 -7.80 23.00
CA ASN B 116 13.96 -7.68 24.45
C ASN B 116 12.62 -7.91 25.14
N TYR B 117 12.31 -9.17 25.41
CA TYR B 117 11.02 -9.57 25.96
C TYR B 117 11.00 -9.54 27.49
N ASN B 118 11.89 -8.78 28.11
CA ASN B 118 11.96 -8.70 29.56
C ASN B 118 11.07 -7.62 30.14
N TYR B 119 10.41 -6.81 29.32
CA TYR B 119 9.55 -5.74 29.79
C TYR B 119 8.09 -6.10 29.50
N LEU B 120 7.26 -6.03 30.53
CA LEU B 120 5.85 -6.43 30.46
C LEU B 120 4.96 -5.28 30.87
N TYR B 121 3.68 -5.40 30.54
CA TYR B 121 2.68 -4.43 30.96
C TYR B 121 1.30 -5.08 30.94
N ARG B 122 0.47 -4.70 31.90
CA ARG B 122 -0.87 -5.25 32.02
C ARG B 122 -1.80 -4.62 30.99
N LEU B 123 -2.69 -5.44 30.43
CA LEU B 123 -3.58 -4.99 29.37
C LEU B 123 -5.05 -5.23 29.71
N PHE B 124 -5.34 -6.21 30.57
CA PHE B 124 -6.69 -6.49 31.06
C PHE B 124 -6.75 -6.27 32.56
N ARG B 125 -7.82 -5.62 33.01
CA ARG B 125 -8.03 -5.41 34.46
C ARG B 125 -9.50 -5.07 34.67
N LYS B 126 -10.13 -5.63 35.69
CA LYS B 126 -11.56 -5.43 35.94
C LYS B 126 -11.90 -3.97 36.19
N SER B 127 -11.12 -3.26 37.00
CA SER B 127 -11.43 -1.90 37.36
C SER B 127 -10.16 -1.06 37.34
N ASN B 128 -10.33 0.25 37.24
CA ASN B 128 -9.21 1.16 37.18
C ASN B 128 -8.46 1.17 38.50
N LEU B 129 -7.22 1.67 38.47
CA LEU B 129 -6.38 1.76 39.65
C LEU B 129 -6.63 3.07 40.38
N LYS B 130 -6.46 3.03 41.70
CA LYS B 130 -6.42 4.23 42.50
C LYS B 130 -5.02 4.83 42.44
N PRO B 131 -4.88 6.13 42.69
CA PRO B 131 -3.57 6.78 42.51
C PRO B 131 -2.49 6.15 43.37
N PHE B 132 -1.31 5.98 42.78
CA PHE B 132 -0.13 5.43 43.44
C PHE B 132 -0.42 4.04 44.01
N GLU B 133 -0.86 3.15 43.13
CA GLU B 133 -1.18 1.77 43.48
C GLU B 133 -0.58 0.84 42.43
N ARG B 134 -0.15 -0.34 42.86
CA ARG B 134 0.39 -1.34 41.95
C ARG B 134 -0.29 -2.67 42.17
N ASP B 135 -0.31 -3.47 41.08
CA ASP B 135 -0.90 -4.84 41.11
C ASP B 135 0.06 -5.82 40.41
N ILE B 136 0.59 -6.83 41.11
CA ILE B 136 1.57 -7.75 40.55
C ILE B 136 1.03 -9.17 40.56
N SER B 137 -0.29 -9.31 40.47
CA SER B 137 -0.94 -10.61 40.53
C SER B 137 -1.25 -11.08 39.11
N THR B 138 -0.96 -12.34 38.83
CA THR B 138 -1.15 -12.92 37.49
C THR B 138 -2.23 -14.01 37.57
N GLU B 139 -3.47 -13.58 37.41
CA GLU B 139 -4.61 -14.50 37.32
C GLU B 139 -5.38 -14.22 36.04
N ILE B 140 -6.03 -15.26 35.52
CA ILE B 140 -6.64 -15.17 34.21
C ILE B 140 -7.85 -14.25 34.24
N TYR B 141 -7.94 -13.37 33.25
CA TYR B 141 -9.00 -12.38 33.17
C TYR B 141 -10.25 -13.01 32.59
N GLN B 142 -11.35 -12.97 33.35
CA GLN B 142 -12.62 -13.53 32.92
C GLN B 142 -13.39 -12.47 32.16
N ALA B 143 -13.37 -12.55 30.83
CA ALA B 143 -14.11 -11.65 29.97
C ALA B 143 -15.48 -12.20 29.59
N GLY B 144 -15.84 -13.39 30.07
CA GLY B 144 -17.10 -14.01 29.74
C GLY B 144 -17.95 -14.25 30.97
N ASN B 145 -19.04 -15.00 30.75
CA ASN B 145 -20.03 -15.27 31.78
C ASN B 145 -19.86 -16.65 32.39
N LYS B 146 -18.74 -17.31 32.12
CA LYS B 146 -18.50 -18.64 32.63
C LYS B 146 -17.23 -18.63 33.48
N PRO B 147 -17.15 -19.46 34.52
CA PRO B 147 -15.92 -19.51 35.32
C PRO B 147 -14.71 -19.93 34.51
N CYS B 148 -13.54 -19.41 34.85
CA CYS B 148 -12.35 -19.64 34.06
C CYS B 148 -11.57 -20.88 34.52
N ASN B 149 -11.61 -21.20 35.81
CA ASN B 149 -10.94 -22.36 36.38
C ASN B 149 -9.43 -22.32 36.20
N GLY B 150 -8.86 -21.13 36.00
CA GLY B 150 -7.42 -20.98 35.97
C GLY B 150 -6.73 -21.53 34.74
N VAL B 151 -7.43 -21.62 33.62
CA VAL B 151 -6.85 -22.10 32.36
C VAL B 151 -7.14 -21.07 31.28
N ALA B 152 -6.12 -20.76 30.48
CA ALA B 152 -6.29 -19.81 29.39
C ALA B 152 -7.00 -20.47 28.22
N GLY B 153 -7.90 -19.72 27.59
CA GLY B 153 -8.68 -20.25 26.49
C GLY B 153 -9.69 -19.25 25.95
N PHE B 154 -10.90 -19.72 25.68
CA PHE B 154 -11.95 -18.85 25.17
C PHE B 154 -12.48 -17.97 26.29
N ASN B 155 -12.49 -16.66 26.05
CA ASN B 155 -12.92 -15.67 27.04
C ASN B 155 -12.11 -15.79 28.33
N CYS B 156 -10.82 -16.10 28.19
CA CYS B 156 -9.91 -16.20 29.32
C CYS B 156 -8.51 -15.87 28.81
N TYR B 157 -7.91 -14.83 29.37
CA TYR B 157 -6.65 -14.31 28.84
C TYR B 157 -5.66 -14.08 29.96
N PHE B 158 -4.38 -14.21 29.63
CA PHE B 158 -3.31 -13.86 30.55
C PHE B 158 -3.16 -12.35 30.59
N PRO B 159 -3.22 -11.72 31.76
CA PRO B 159 -3.32 -10.26 31.81
C PRO B 159 -2.07 -9.52 31.36
N LEU B 160 -0.92 -10.18 31.25
CA LEU B 160 0.33 -9.52 30.98
C LEU B 160 0.83 -9.85 29.58
N ARG B 161 1.50 -8.90 28.94
CA ARG B 161 1.97 -9.05 27.56
C ARG B 161 3.22 -8.18 27.34
N SER B 162 4.19 -8.69 26.59
CA SER B 162 5.54 -8.17 26.47
C SER B 162 5.61 -7.07 25.41
N TYR B 163 6.71 -6.32 25.41
CA TYR B 163 6.94 -5.24 24.48
C TYR B 163 7.74 -5.65 23.26
N GLY B 164 8.84 -6.37 23.44
CA GLY B 164 9.61 -6.85 22.31
C GLY B 164 10.31 -5.74 21.56
N PHE B 165 11.29 -5.11 22.19
CA PHE B 165 11.93 -3.94 21.61
C PHE B 165 13.03 -4.36 20.64
N ARG B 166 13.02 -3.80 19.43
CA ARG B 166 14.05 -4.11 18.42
C ARG B 166 14.69 -2.78 18.04
N PRO B 167 15.93 -2.73 17.54
CA PRO B 167 16.60 -1.46 17.33
C PRO B 167 16.25 -0.70 16.06
N THR B 168 15.22 -1.11 15.34
CA THR B 168 14.89 -0.52 14.04
C THR B 168 13.49 0.08 14.11
N TYR B 169 12.78 -0.20 15.19
CA TYR B 169 11.41 0.35 15.39
C TYR B 169 11.50 1.86 15.36
N GLY B 170 10.37 2.54 15.28
CA GLY B 170 10.34 4.00 15.15
C GLY B 170 10.35 4.69 16.48
N VAL B 171 10.34 6.02 16.47
CA VAL B 171 10.49 6.78 17.70
C VAL B 171 9.32 6.52 18.64
N GLY B 172 8.13 6.33 18.08
CA GLY B 172 6.95 6.08 18.89
C GLY B 172 6.90 4.70 19.50
N HIS B 173 7.77 3.78 19.08
CA HIS B 173 7.80 2.43 19.62
C HIS B 173 9.14 2.10 20.28
N GLN B 174 10.04 3.06 20.40
CA GLN B 174 11.34 2.86 20.99
C GLN B 174 11.27 2.95 22.51
N PRO B 175 12.19 2.29 23.22
CA PRO B 175 12.16 2.33 24.69
C PRO B 175 12.40 3.72 25.23
N TYR B 176 11.75 4.01 26.36
CA TYR B 176 11.91 5.27 27.07
C TYR B 176 11.90 5.00 28.56
N ARG B 177 12.88 5.53 29.27
CA ARG B 177 12.97 5.39 30.72
C ARG B 177 12.42 6.63 31.40
N VAL B 178 11.50 6.43 32.34
CA VAL B 178 10.77 7.52 32.98
C VAL B 178 11.03 7.46 34.49
N VAL B 179 11.39 8.62 35.06
CA VAL B 179 11.56 8.77 36.50
C VAL B 179 10.63 9.88 36.97
N VAL B 180 9.80 9.59 37.95
CA VAL B 180 8.81 10.54 38.48
C VAL B 180 9.23 10.93 39.89
N LEU B 181 9.36 12.23 40.12
CA LEU B 181 9.77 12.77 41.41
C LEU B 181 8.54 13.34 42.10
N SER B 182 8.27 12.87 43.32
CA SER B 182 7.12 13.28 44.09
C SER B 182 7.56 13.98 45.37
N PHE B 183 6.74 14.91 45.85
CA PHE B 183 7.02 15.67 47.05
C PHE B 183 5.79 15.71 47.93
N GLU B 184 6.00 15.91 49.23
CA GLU B 184 4.89 16.04 50.16
C GLU B 184 5.34 16.79 51.40
N LEU B 185 4.37 17.36 52.12
CA LEU B 185 4.59 18.03 53.39
C LEU B 185 3.73 17.34 54.45
N LEU B 186 4.37 16.81 55.48
CA LEU B 186 3.70 16.10 56.56
C LEU B 186 3.92 16.83 57.88
N HIS B 187 3.31 16.30 58.94
CA HIS B 187 3.40 16.89 60.27
C HIS B 187 4.72 16.47 60.92
N ALA B 188 5.80 16.88 60.27
CA ALA B 188 7.16 16.58 60.71
C ALA B 188 8.08 17.62 60.12
N PRO B 189 9.23 17.87 60.75
CA PRO B 189 10.17 18.85 60.20
C PRO B 189 10.65 18.41 58.82
N ALA B 190 10.74 19.37 57.90
CA ALA B 190 11.20 19.09 56.55
C ALA B 190 12.70 18.82 56.58
N THR B 191 13.07 17.56 56.43
CA THR B 191 14.47 17.14 56.49
C THR B 191 15.13 17.09 55.11
N VAL B 192 14.43 17.46 54.05
CA VAL B 192 14.98 17.48 52.71
C VAL B 192 14.99 18.92 52.22
N CYS B 193 16.18 19.45 51.96
CA CYS B 193 16.34 20.79 51.44
C CYS B 193 17.56 20.82 50.52
N GLY B 194 17.55 21.78 49.60
CA GLY B 194 18.66 21.95 48.70
C GLY B 194 19.79 22.72 49.33
N PRO B 195 20.91 22.84 48.61
CA PRO B 195 22.09 23.55 49.09
C PRO B 195 22.08 25.03 48.71
ZN ZN C . 3.37 2.11 -7.24
C1 NAG D . 0.43 26.36 -32.74
C2 NAG D . 0.04 25.32 -33.79
C3 NAG D . 0.14 25.93 -35.18
C4 NAG D . -0.70 27.20 -35.26
C5 NAG D . -0.27 28.16 -34.15
C6 NAG D . -1.13 29.40 -34.08
C7 NAG D . 0.36 22.98 -33.18
C8 NAG D . 1.34 21.86 -33.08
N2 NAG D . 0.85 24.13 -33.67
O3 NAG D . -0.28 24.98 -36.15
O4 NAG D . -0.51 27.82 -36.52
O5 NAG D . -0.36 27.52 -32.86
O6 NAG D . -2.49 29.05 -33.83
O7 NAG D . -0.81 22.87 -32.83
C1 NAG E . 24.42 -10.83 3.21
C2 NAG E . 24.95 -9.96 4.33
C3 NAG E . 26.39 -10.33 4.67
C4 NAG E . 26.48 -11.83 4.97
C5 NAG E . 25.89 -12.63 3.81
C6 NAG E . 25.84 -14.11 4.08
C7 NAG E . 24.31 -7.63 4.78
C8 NAG E . 24.30 -6.22 4.27
N2 NAG E . 24.87 -8.54 3.99
O3 NAG E . 26.82 -9.59 5.80
O4 NAG E . 27.84 -12.20 5.16
O5 NAG E . 24.54 -12.20 3.56
O6 NAG E . 24.68 -14.47 4.83
O7 NAG E . 23.82 -7.93 5.87
C1 NAG F . -16.94 2.03 18.38
C2 NAG F . -17.62 3.25 19.03
C3 NAG F . -16.60 4.36 19.26
C4 NAG F . -15.42 3.83 20.07
C5 NAG F . -14.82 2.60 19.40
C6 NAG F . -13.73 1.95 20.24
C7 NAG F . -19.78 4.35 18.71
C8 NAG F . -20.82 4.79 17.72
N2 NAG F . -18.71 3.73 18.21
O3 NAG F . -17.21 5.44 19.94
O4 NAG F . -14.41 4.84 20.18
O5 NAG F . -15.84 1.60 19.22
O6 NAG F . -12.95 1.06 19.45
O7 NAG F . -19.91 4.54 19.91
C1 NAG G . -16.21 -20.82 7.01
C2 NAG G . -16.30 -21.17 8.49
C3 NAG G . -17.76 -21.43 8.85
C4 NAG G . -18.62 -20.24 8.42
C5 NAG G . -18.44 -20.01 6.92
C6 NAG G . -19.18 -18.79 6.44
C7 NAG G . -14.36 -22.13 9.59
C8 NAG G . -14.17 -23.09 10.72
N2 NAG G . -15.46 -22.30 8.85
O3 NAG G . -17.88 -21.67 10.24
O4 NAG G . -19.98 -20.52 8.70
O5 NAG G . -17.05 -19.76 6.64
O6 NAG G . -18.44 -17.62 6.74
O7 NAG G . -13.55 -21.24 9.35
C1 NAG H . 7.99 27.24 -4.00
C2 NAG H . 8.63 27.50 -5.36
C3 NAG H . 10.13 27.71 -5.22
C4 NAG H . 10.43 28.80 -4.20
C5 NAG H . 9.73 28.47 -2.89
C6 NAG H . 9.89 29.57 -1.85
C7 NAG H . 7.52 26.52 -7.32
C8 NAG H . 7.35 25.29 -8.16
N2 NAG H . 8.34 26.40 -6.28
O3 NAG H . 10.66 28.08 -6.49
O4 NAG H . 11.83 28.88 -3.98
O5 NAG H . 8.32 28.30 -3.11
O6 NAG H . 9.09 30.70 -2.17
O7 NAG H . 6.95 27.57 -7.59
C1 NAG I . 11.10 18.79 8.84
C2 NAG I . 11.67 19.90 7.95
C3 NAG I . 11.61 21.22 8.71
C4 NAG I . 10.20 21.51 9.18
C5 NAG I . 9.69 20.33 10.02
C6 NAG I . 8.25 20.50 10.42
C7 NAG I . 13.87 18.74 7.92
C8 NAG I . 15.11 19.25 8.57
N2 NAG I . 13.02 19.69 7.49
O3 NAG I . 12.10 22.26 7.87
O4 NAG I . 10.20 22.69 9.98
O5 NAG I . 9.79 19.12 9.27
O6 NAG I . 7.40 20.57 9.27
O7 NAG I . 13.65 17.56 7.75
C1 NAG J . 26.39 7.30 35.02
C2 NAG J . 26.86 8.76 35.12
C3 NAG J . 28.01 9.01 34.17
C4 NAG J . 29.13 8.00 34.42
C5 NAG J . 28.58 6.58 34.37
C6 NAG J . 29.61 5.53 34.75
C7 NAG J . 25.08 10.29 35.83
C8 NAG J . 23.98 11.21 35.38
N2 NAG J . 25.76 9.68 34.86
O3 NAG J . 28.50 10.34 34.36
O4 NAG J . 30.15 8.15 33.44
O5 NAG J . 27.49 6.43 35.29
O6 NAG J . 30.78 6.13 35.28
O7 NAG J . 25.32 10.11 37.02
#